data_3IZ1
# 
_entry.id   3IZ1 
# 
_audit_conform.dict_name       mmcif_pdbx.dic 
_audit_conform.dict_version    5.387 
_audit_conform.dict_location   http://mmcif.pdb.org/dictionaries/ascii/mmcif_pdbx.dic 
# 
loop_
_database_2.database_id 
_database_2.database_code 
_database_2.pdbx_database_accession 
_database_2.pdbx_DOI 
PDB   3IZ1         pdb_00003iz1 10.2210/pdb3iz1/pdb 
RCSB  RCSB160043   ?            ?                   
WWPDB D_1000160043 ?            ?                   
# 
loop_
_pdbx_audit_revision_history.ordinal 
_pdbx_audit_revision_history.data_content_type 
_pdbx_audit_revision_history.major_revision 
_pdbx_audit_revision_history.minor_revision 
_pdbx_audit_revision_history.revision_date 
1 'Structure model' 1 0 2010-11-03 
2 'Structure model' 1 1 2011-07-13 
3 'Structure model' 1 2 2018-07-18 
4 'Structure model' 1 3 2024-02-21 
# 
_pdbx_audit_revision_details.ordinal             1 
_pdbx_audit_revision_details.revision_ordinal    1 
_pdbx_audit_revision_details.data_content_type   'Structure model' 
_pdbx_audit_revision_details.provider            repository 
_pdbx_audit_revision_details.type                'Initial release' 
_pdbx_audit_revision_details.description         ? 
_pdbx_audit_revision_details.details             ? 
# 
loop_
_pdbx_audit_revision_group.ordinal 
_pdbx_audit_revision_group.revision_ordinal 
_pdbx_audit_revision_group.data_content_type 
_pdbx_audit_revision_group.group 
1 2 'Structure model' 'Version format compliance'  
2 3 'Structure model' 'Author supporting evidence' 
3 3 'Structure model' 'Data collection'            
4 4 'Structure model' 'Data collection'            
5 4 'Structure model' 'Database references'        
6 4 'Structure model' 'Refinement description'     
# 
loop_
_pdbx_audit_revision_category.ordinal 
_pdbx_audit_revision_category.revision_ordinal 
_pdbx_audit_revision_category.data_content_type 
_pdbx_audit_revision_category.category 
1 3 'Structure model' em_image_scans                
2 3 'Structure model' em_single_particle_entity     
3 3 'Structure model' em_software                   
4 4 'Structure model' chem_comp_atom                
5 4 'Structure model' chem_comp_bond                
6 4 'Structure model' database_2                    
7 4 'Structure model' em_3d_fitting_list            
8 4 'Structure model' pdbx_initial_refinement_model 
9 4 'Structure model' struct_ref_seq_dif            
# 
loop_
_pdbx_audit_revision_item.ordinal 
_pdbx_audit_revision_item.revision_ordinal 
_pdbx_audit_revision_item.data_content_type 
_pdbx_audit_revision_item.item 
1 3 'Structure model' '_em_software.image_processing_id'                
2 4 'Structure model' '_database_2.pdbx_DOI'                            
3 4 'Structure model' '_database_2.pdbx_database_accession'             
4 4 'Structure model' '_em_3d_fitting_list.accession_code'              
5 4 'Structure model' '_em_3d_fitting_list.initial_refinement_model_id' 
6 4 'Structure model' '_em_3d_fitting_list.source_name'                 
7 4 'Structure model' '_em_3d_fitting_list.type'                        
8 4 'Structure model' '_struct_ref_seq_dif.details'                     
# 
_pdbx_database_status.status_code                     REL 
_pdbx_database_status.entry_id                        3IZ1 
_pdbx_database_status.recvd_initial_deposition_date   2010-08-19 
_pdbx_database_status.deposit_site                    RCSB 
_pdbx_database_status.process_site                    RCSB 
_pdbx_database_status.status_code_sf                  REL 
_pdbx_database_status.status_code_mr                  ? 
_pdbx_database_status.SG_entry                        ? 
_pdbx_database_status.status_code_cs                  ? 
_pdbx_database_status.methods_development_category    ? 
_pdbx_database_status.pdb_format_compatible           Y 
_pdbx_database_status.status_code_nmr_data            ? 
# 
_pdbx_database_related.db_name        EMDB 
_pdbx_database_related.db_id          EMD-1748 
_pdbx_database_related.content_type   'associated EM volume' 
_pdbx_database_related.details        'EM density map at 6A resolution' 
# 
loop_
_audit_author.name 
_audit_author.pdbx_ordinal 
'Oshima, A.'      1  
'Tani, K.'        2  
'Toloue, M.M.'    3  
'Hiroaki, Y.'     4  
'Smock, A.'       5  
'Inukai, S.'      6  
'Cone, A.'        7  
'Nicholson, B.J.' 8  
'Sosinsky, G.E.'  9  
'Fujiyoshi, Y.'   10 
# 
_citation.id                        primary 
_citation.title                     'Asymmetric configurations and N-terminal rearrangements in connexin26 gap junction channels.' 
_citation.journal_abbrev            J.Mol.Biol. 
_citation.journal_volume            405 
_citation.page_first                724 
_citation.page_last                 735 
_citation.year                      2011 
_citation.journal_id_ASTM           JMOBAK 
_citation.country                   UK 
_citation.journal_id_ISSN           0022-2836 
_citation.journal_id_CSD            0070 
_citation.book_publisher            ? 
_citation.pdbx_database_id_PubMed   21094651 
_citation.pdbx_database_id_DOI      10.1016/j.jmb.2010.10.032 
# 
loop_
_citation_author.citation_id 
_citation_author.name 
_citation_author.ordinal 
_citation_author.identifier_ORCID 
primary 'Oshima, A.'      1  ? 
primary 'Tani, K.'        2  ? 
primary 'Toloue, M.M.'    3  ? 
primary 'Hiroaki, Y.'     4  ? 
primary 'Smock, A.'       5  ? 
primary 'Inukai, S.'      6  ? 
primary 'Cone, A.'        7  ? 
primary 'Nicholson, B.J.' 8  ? 
primary 'Sosinsky, G.E.'  9  ? 
primary 'Fujiyoshi, Y.'   10 ? 
# 
_entity.id                         1 
_entity.type                       polymer 
_entity.src_method                 man 
_entity.pdbx_description           'Gap junction beta-2 protein' 
_entity.formula_weight             27686.686 
_entity.pdbx_number_of_molecules   3 
_entity.pdbx_ec                    ? 
_entity.pdbx_mutation              M34A 
_entity.pdbx_fragment              ? 
_entity.details                    ? 
# 
_entity_name_com.entity_id   1 
_entity_name_com.name        'Connexin-26, Cx26' 
# 
_entity_poly.entity_id                      1 
_entity_poly.type                           'polypeptide(L)' 
_entity_poly.nstd_linkage                   no 
_entity_poly.nstd_monomer                   no 
_entity_poly.pdbx_seq_one_letter_code       
;MDWGTLQTILGGVNKHSTSIGKIWLTVLFIFRIMILVVAAKEVWGDEQADFVCNTLQPGCKNVCYDHYFPISHIRLWALQ
LIFVSTPALLVAMHVAYRRHEKKRKFIKGEIKSEFKDIEEIKTQKVRIEGSLWWTYTSSIFFRVIFEAAFMYVFYVMYDG
FSMQRLVKCNAWPCPNTVDCFVSRPTEKTVFTVFMIAVSGICILLNVTELCYLLIRYCSGKSKKPVLVPRGSHHHHHH
;
_entity_poly.pdbx_seq_one_letter_code_can   
;MDWGTLQTILGGVNKHSTSIGKIWLTVLFIFRIMILVVAAKEVWGDEQADFVCNTLQPGCKNVCYDHYFPISHIRLWALQ
LIFVSTPALLVAMHVAYRRHEKKRKFIKGEIKSEFKDIEEIKTQKVRIEGSLWWTYTSSIFFRVIFEAAFMYVFYVMYDG
FSMQRLVKCNAWPCPNTVDCFVSRPTEKTVFTVFMIAVSGICILLNVTELCYLLIRYCSGKSKKPVLVPRGSHHHHHH
;
_entity_poly.pdbx_strand_id                 A,B,C 
_entity_poly.pdbx_target_identifier         ? 
# 
loop_
_entity_poly_seq.entity_id 
_entity_poly_seq.num 
_entity_poly_seq.mon_id 
_entity_poly_seq.hetero 
1 1   MET n 
1 2   ASP n 
1 3   TRP n 
1 4   GLY n 
1 5   THR n 
1 6   LEU n 
1 7   GLN n 
1 8   THR n 
1 9   ILE n 
1 10  LEU n 
1 11  GLY n 
1 12  GLY n 
1 13  VAL n 
1 14  ASN n 
1 15  LYS n 
1 16  HIS n 
1 17  SER n 
1 18  THR n 
1 19  SER n 
1 20  ILE n 
1 21  GLY n 
1 22  LYS n 
1 23  ILE n 
1 24  TRP n 
1 25  LEU n 
1 26  THR n 
1 27  VAL n 
1 28  LEU n 
1 29  PHE n 
1 30  ILE n 
1 31  PHE n 
1 32  ARG n 
1 33  ILE n 
1 34  MET n 
1 35  ILE n 
1 36  LEU n 
1 37  VAL n 
1 38  VAL n 
1 39  ALA n 
1 40  ALA n 
1 41  LYS n 
1 42  GLU n 
1 43  VAL n 
1 44  TRP n 
1 45  GLY n 
1 46  ASP n 
1 47  GLU n 
1 48  GLN n 
1 49  ALA n 
1 50  ASP n 
1 51  PHE n 
1 52  VAL n 
1 53  CYS n 
1 54  ASN n 
1 55  THR n 
1 56  LEU n 
1 57  GLN n 
1 58  PRO n 
1 59  GLY n 
1 60  CYS n 
1 61  LYS n 
1 62  ASN n 
1 63  VAL n 
1 64  CYS n 
1 65  TYR n 
1 66  ASP n 
1 67  HIS n 
1 68  TYR n 
1 69  PHE n 
1 70  PRO n 
1 71  ILE n 
1 72  SER n 
1 73  HIS n 
1 74  ILE n 
1 75  ARG n 
1 76  LEU n 
1 77  TRP n 
1 78  ALA n 
1 79  LEU n 
1 80  GLN n 
1 81  LEU n 
1 82  ILE n 
1 83  PHE n 
1 84  VAL n 
1 85  SER n 
1 86  THR n 
1 87  PRO n 
1 88  ALA n 
1 89  LEU n 
1 90  LEU n 
1 91  VAL n 
1 92  ALA n 
1 93  MET n 
1 94  HIS n 
1 95  VAL n 
1 96  ALA n 
1 97  TYR n 
1 98  ARG n 
1 99  ARG n 
1 100 HIS n 
1 101 GLU n 
1 102 LYS n 
1 103 LYS n 
1 104 ARG n 
1 105 LYS n 
1 106 PHE n 
1 107 ILE n 
1 108 LYS n 
1 109 GLY n 
1 110 GLU n 
1 111 ILE n 
1 112 LYS n 
1 113 SER n 
1 114 GLU n 
1 115 PHE n 
1 116 LYS n 
1 117 ASP n 
1 118 ILE n 
1 119 GLU n 
1 120 GLU n 
1 121 ILE n 
1 122 LYS n 
1 123 THR n 
1 124 GLN n 
1 125 LYS n 
1 126 VAL n 
1 127 ARG n 
1 128 ILE n 
1 129 GLU n 
1 130 GLY n 
1 131 SER n 
1 132 LEU n 
1 133 TRP n 
1 134 TRP n 
1 135 THR n 
1 136 TYR n 
1 137 THR n 
1 138 SER n 
1 139 SER n 
1 140 ILE n 
1 141 PHE n 
1 142 PHE n 
1 143 ARG n 
1 144 VAL n 
1 145 ILE n 
1 146 PHE n 
1 147 GLU n 
1 148 ALA n 
1 149 ALA n 
1 150 PHE n 
1 151 MET n 
1 152 TYR n 
1 153 VAL n 
1 154 PHE n 
1 155 TYR n 
1 156 VAL n 
1 157 MET n 
1 158 TYR n 
1 159 ASP n 
1 160 GLY n 
1 161 PHE n 
1 162 SER n 
1 163 MET n 
1 164 GLN n 
1 165 ARG n 
1 166 LEU n 
1 167 VAL n 
1 168 LYS n 
1 169 CYS n 
1 170 ASN n 
1 171 ALA n 
1 172 TRP n 
1 173 PRO n 
1 174 CYS n 
1 175 PRO n 
1 176 ASN n 
1 177 THR n 
1 178 VAL n 
1 179 ASP n 
1 180 CYS n 
1 181 PHE n 
1 182 VAL n 
1 183 SER n 
1 184 ARG n 
1 185 PRO n 
1 186 THR n 
1 187 GLU n 
1 188 LYS n 
1 189 THR n 
1 190 VAL n 
1 191 PHE n 
1 192 THR n 
1 193 VAL n 
1 194 PHE n 
1 195 MET n 
1 196 ILE n 
1 197 ALA n 
1 198 VAL n 
1 199 SER n 
1 200 GLY n 
1 201 ILE n 
1 202 CYS n 
1 203 ILE n 
1 204 LEU n 
1 205 LEU n 
1 206 ASN n 
1 207 VAL n 
1 208 THR n 
1 209 GLU n 
1 210 LEU n 
1 211 CYS n 
1 212 TYR n 
1 213 LEU n 
1 214 LEU n 
1 215 ILE n 
1 216 ARG n 
1 217 TYR n 
1 218 CYS n 
1 219 SER n 
1 220 GLY n 
1 221 LYS n 
1 222 SER n 
1 223 LYS n 
1 224 LYS n 
1 225 PRO n 
1 226 VAL n 
1 227 LEU n 
1 228 VAL n 
1 229 PRO n 
1 230 ARG n 
1 231 GLY n 
1 232 SER n 
1 233 HIS n 
1 234 HIS n 
1 235 HIS n 
1 236 HIS n 
1 237 HIS n 
1 238 HIS n 
# 
_entity_src_gen.entity_id                          1 
_entity_src_gen.pdbx_src_id                        1 
_entity_src_gen.pdbx_alt_source_flag               sample 
_entity_src_gen.pdbx_seq_type                      ? 
_entity_src_gen.pdbx_beg_seq_num                   ? 
_entity_src_gen.pdbx_end_seq_num                   ? 
_entity_src_gen.gene_src_common_name               human 
_entity_src_gen.gene_src_genus                     ? 
_entity_src_gen.pdbx_gene_src_gene                 GJB2 
_entity_src_gen.gene_src_species                   ? 
_entity_src_gen.gene_src_strain                    ? 
_entity_src_gen.gene_src_tissue                    ? 
_entity_src_gen.gene_src_tissue_fraction           ? 
_entity_src_gen.gene_src_details                   ? 
_entity_src_gen.pdbx_gene_src_fragment             ? 
_entity_src_gen.pdbx_gene_src_scientific_name      'Homo sapiens' 
_entity_src_gen.pdbx_gene_src_ncbi_taxonomy_id     9606 
_entity_src_gen.pdbx_gene_src_variant              ? 
_entity_src_gen.pdbx_gene_src_cell_line            ? 
_entity_src_gen.pdbx_gene_src_atcc                 ? 
_entity_src_gen.pdbx_gene_src_organ                ? 
_entity_src_gen.pdbx_gene_src_organelle            ? 
_entity_src_gen.pdbx_gene_src_cell                 ? 
_entity_src_gen.pdbx_gene_src_cellular_location    ? 
_entity_src_gen.host_org_common_name               ? 
_entity_src_gen.pdbx_host_org_scientific_name      'Spodoptera frugiperda' 
_entity_src_gen.pdbx_host_org_ncbi_taxonomy_id     7108 
_entity_src_gen.host_org_genus                     ? 
_entity_src_gen.pdbx_host_org_gene                 ? 
_entity_src_gen.pdbx_host_org_organ                ? 
_entity_src_gen.host_org_species                   ? 
_entity_src_gen.pdbx_host_org_tissue               ? 
_entity_src_gen.pdbx_host_org_tissue_fraction      ? 
_entity_src_gen.pdbx_host_org_strain               ? 
_entity_src_gen.pdbx_host_org_variant              ? 
_entity_src_gen.pdbx_host_org_cell_line            ? 
_entity_src_gen.pdbx_host_org_atcc                 ? 
_entity_src_gen.pdbx_host_org_culture_collection   ? 
_entity_src_gen.pdbx_host_org_cell                 ? 
_entity_src_gen.pdbx_host_org_organelle            ? 
_entity_src_gen.pdbx_host_org_cellular_location    ? 
_entity_src_gen.pdbx_host_org_vector_type          ? 
_entity_src_gen.pdbx_host_org_vector               ? 
_entity_src_gen.host_org_details                   ? 
_entity_src_gen.expression_system_id               ? 
_entity_src_gen.plasmid_name                       pBlueBac4.5 
_entity_src_gen.plasmid_details                    ? 
_entity_src_gen.pdbx_description                   ? 
# 
loop_
_chem_comp.id 
_chem_comp.type 
_chem_comp.mon_nstd_flag 
_chem_comp.name 
_chem_comp.pdbx_synonyms 
_chem_comp.formula 
_chem_comp.formula_weight 
ALA 'L-peptide linking' y ALANINE         ? 'C3 H7 N O2'     89.093  
ARG 'L-peptide linking' y ARGININE        ? 'C6 H15 N4 O2 1' 175.209 
ASN 'L-peptide linking' y ASPARAGINE      ? 'C4 H8 N2 O3'    132.118 
ASP 'L-peptide linking' y 'ASPARTIC ACID' ? 'C4 H7 N O4'     133.103 
CYS 'L-peptide linking' y CYSTEINE        ? 'C3 H7 N O2 S'   121.158 
GLN 'L-peptide linking' y GLUTAMINE       ? 'C5 H10 N2 O3'   146.144 
GLU 'L-peptide linking' y 'GLUTAMIC ACID' ? 'C5 H9 N O4'     147.129 
GLY 'peptide linking'   y GLYCINE         ? 'C2 H5 N O2'     75.067  
HIS 'L-peptide linking' y HISTIDINE       ? 'C6 H10 N3 O2 1' 156.162 
ILE 'L-peptide linking' y ISOLEUCINE      ? 'C6 H13 N O2'    131.173 
LEU 'L-peptide linking' y LEUCINE         ? 'C6 H13 N O2'    131.173 
LYS 'L-peptide linking' y LYSINE          ? 'C6 H15 N2 O2 1' 147.195 
MET 'L-peptide linking' y METHIONINE      ? 'C5 H11 N O2 S'  149.211 
PHE 'L-peptide linking' y PHENYLALANINE   ? 'C9 H11 N O2'    165.189 
PRO 'L-peptide linking' y PROLINE         ? 'C5 H9 N O2'     115.130 
SER 'L-peptide linking' y SERINE          ? 'C3 H7 N O3'     105.093 
THR 'L-peptide linking' y THREONINE       ? 'C4 H9 N O3'     119.119 
TRP 'L-peptide linking' y TRYPTOPHAN      ? 'C11 H12 N2 O2'  204.225 
TYR 'L-peptide linking' y TYROSINE        ? 'C9 H11 N O3'    181.189 
VAL 'L-peptide linking' y VALINE          ? 'C5 H11 N O2'    117.146 
# 
loop_
_pdbx_poly_seq_scheme.asym_id 
_pdbx_poly_seq_scheme.entity_id 
_pdbx_poly_seq_scheme.seq_id 
_pdbx_poly_seq_scheme.mon_id 
_pdbx_poly_seq_scheme.ndb_seq_num 
_pdbx_poly_seq_scheme.pdb_seq_num 
_pdbx_poly_seq_scheme.auth_seq_num 
_pdbx_poly_seq_scheme.pdb_mon_id 
_pdbx_poly_seq_scheme.auth_mon_id 
_pdbx_poly_seq_scheme.pdb_strand_id 
_pdbx_poly_seq_scheme.pdb_ins_code 
_pdbx_poly_seq_scheme.hetero 
A 1 1   MET 1   1   ?   ?   ?   A . n 
A 1 2   ASP 2   2   ?   ?   ?   A . n 
A 1 3   TRP 3   3   ?   ?   ?   A . n 
A 1 4   GLY 4   4   ?   ?   ?   A . n 
A 1 5   THR 5   5   ?   ?   ?   A . n 
A 1 6   LEU 6   6   ?   ?   ?   A . n 
A 1 7   GLN 7   7   ?   ?   ?   A . n 
A 1 8   THR 8   8   ?   ?   ?   A . n 
A 1 9   ILE 9   9   ?   ?   ?   A . n 
A 1 10  LEU 10  10  ?   ?   ?   A . n 
A 1 11  GLY 11  11  ?   ?   ?   A . n 
A 1 12  GLY 12  12  ?   ?   ?   A . n 
A 1 13  VAL 13  13  ?   ?   ?   A . n 
A 1 14  ASN 14  14  ?   ?   ?   A . n 
A 1 15  LYS 15  15  ?   ?   ?   A . n 
A 1 16  HIS 16  16  ?   ?   ?   A . n 
A 1 17  SER 17  17  ?   ?   ?   A . n 
A 1 18  THR 18  18  18  THR THR A . n 
A 1 19  SER 19  19  19  SER SER A . n 
A 1 20  ILE 20  20  20  ILE ILE A . n 
A 1 21  GLY 21  21  21  GLY GLY A . n 
A 1 22  LYS 22  22  22  LYS LYS A . n 
A 1 23  ILE 23  23  23  ILE ILE A . n 
A 1 24  TRP 24  24  24  TRP TRP A . n 
A 1 25  LEU 25  25  25  LEU LEU A . n 
A 1 26  THR 26  26  26  THR THR A . n 
A 1 27  VAL 27  27  27  VAL VAL A . n 
A 1 28  LEU 28  28  28  LEU LEU A . n 
A 1 29  PHE 29  29  29  PHE PHE A . n 
A 1 30  ILE 30  30  30  ILE ILE A . n 
A 1 31  PHE 31  31  31  PHE PHE A . n 
A 1 32  ARG 32  32  32  ARG ARG A . n 
A 1 33  ILE 33  33  33  ILE ILE A . n 
A 1 34  MET 34  34  34  MET MET A . n 
A 1 35  ILE 35  35  35  ILE ILE A . n 
A 1 36  LEU 36  36  36  LEU LEU A . n 
A 1 37  VAL 37  37  37  VAL VAL A . n 
A 1 38  VAL 38  38  38  VAL VAL A . n 
A 1 39  ALA 39  39  39  ALA ALA A . n 
A 1 40  ALA 40  40  40  ALA ALA A . n 
A 1 41  LYS 41  41  41  LYS LYS A . n 
A 1 42  GLU 42  42  42  GLU GLU A . n 
A 1 43  VAL 43  43  43  VAL VAL A . n 
A 1 44  TRP 44  44  44  TRP TRP A . n 
A 1 45  GLY 45  45  45  GLY GLY A . n 
A 1 46  ASP 46  46  46  ASP ASP A . n 
A 1 47  GLU 47  47  47  GLU GLU A . n 
A 1 48  GLN 48  48  48  GLN GLN A . n 
A 1 49  ALA 49  49  49  ALA ALA A . n 
A 1 50  ASP 50  50  50  ASP ASP A . n 
A 1 51  PHE 51  51  51  PHE PHE A . n 
A 1 52  VAL 52  52  52  VAL VAL A . n 
A 1 53  CYS 53  53  53  CYS CYS A . n 
A 1 54  ASN 54  54  54  ASN ASN A . n 
A 1 55  THR 55  55  55  THR THR A . n 
A 1 56  LEU 56  56  56  LEU LEU A . n 
A 1 57  GLN 57  57  57  GLN GLN A . n 
A 1 58  PRO 58  58  58  PRO PRO A . n 
A 1 59  GLY 59  59  59  GLY GLY A . n 
A 1 60  CYS 60  60  60  CYS CYS A . n 
A 1 61  LYS 61  61  61  LYS LYS A . n 
A 1 62  ASN 62  62  62  ASN ASN A . n 
A 1 63  VAL 63  63  63  VAL VAL A . n 
A 1 64  CYS 64  64  64  CYS CYS A . n 
A 1 65  TYR 65  65  65  TYR TYR A . n 
A 1 66  ASP 66  66  66  ASP ASP A . n 
A 1 67  HIS 67  67  67  HIS HIS A . n 
A 1 68  TYR 68  68  68  TYR TYR A . n 
A 1 69  PHE 69  69  69  PHE PHE A . n 
A 1 70  PRO 70  70  70  PRO PRO A . n 
A 1 71  ILE 71  71  71  ILE ILE A . n 
A 1 72  SER 72  72  72  SER SER A . n 
A 1 73  HIS 73  73  73  HIS HIS A . n 
A 1 74  ILE 74  74  74  ILE ILE A . n 
A 1 75  ARG 75  75  75  ARG ARG A . n 
A 1 76  LEU 76  76  76  LEU LEU A . n 
A 1 77  TRP 77  77  77  TRP TRP A . n 
A 1 78  ALA 78  78  78  ALA ALA A . n 
A 1 79  LEU 79  79  79  LEU LEU A . n 
A 1 80  GLN 80  80  80  GLN GLN A . n 
A 1 81  LEU 81  81  81  LEU LEU A . n 
A 1 82  ILE 82  82  82  ILE ILE A . n 
A 1 83  PHE 83  83  83  PHE PHE A . n 
A 1 84  VAL 84  84  84  VAL VAL A . n 
A 1 85  SER 85  85  85  SER SER A . n 
A 1 86  THR 86  86  86  THR THR A . n 
A 1 87  PRO 87  87  87  PRO PRO A . n 
A 1 88  ALA 88  88  88  ALA ALA A . n 
A 1 89  LEU 89  89  89  LEU LEU A . n 
A 1 90  LEU 90  90  90  LEU LEU A . n 
A 1 91  VAL 91  91  91  VAL VAL A . n 
A 1 92  ALA 92  92  92  ALA ALA A . n 
A 1 93  MET 93  93  93  MET MET A . n 
A 1 94  HIS 94  94  94  HIS HIS A . n 
A 1 95  VAL 95  95  95  VAL VAL A . n 
A 1 96  ALA 96  96  96  ALA ALA A . n 
A 1 97  TYR 97  97  97  TYR TYR A . n 
A 1 98  ARG 98  98  98  ARG ARG A . n 
A 1 99  ARG 99  99  99  ARG ARG A . n 
A 1 100 HIS 100 100 100 HIS HIS A . n 
A 1 101 GLU 101 101 101 GLU GLU A . n 
A 1 102 LYS 102 102 102 LYS LYS A . n 
A 1 103 LYS 103 103 103 LYS LYS A . n 
A 1 104 ARG 104 104 104 ARG ARG A . n 
A 1 105 LYS 105 105 105 LYS LYS A . n 
A 1 106 PHE 106 106 106 PHE PHE A . n 
A 1 107 ILE 107 107 107 ILE ILE A . n 
A 1 108 LYS 108 108 108 LYS LYS A . n 
A 1 109 GLY 109 109 109 GLY GLY A . n 
A 1 110 GLU 110 110 ?   ?   ?   A . n 
A 1 111 ILE 111 111 ?   ?   ?   A . n 
A 1 112 LYS 112 112 ?   ?   ?   A . n 
A 1 113 SER 113 113 ?   ?   ?   A . n 
A 1 114 GLU 114 114 ?   ?   ?   A . n 
A 1 115 PHE 115 115 ?   ?   ?   A . n 
A 1 116 LYS 116 116 ?   ?   ?   A . n 
A 1 117 ASP 117 117 ?   ?   ?   A . n 
A 1 118 ILE 118 118 ?   ?   ?   A . n 
A 1 119 GLU 119 119 ?   ?   ?   A . n 
A 1 120 GLU 120 120 ?   ?   ?   A . n 
A 1 121 ILE 121 121 ?   ?   ?   A . n 
A 1 122 LYS 122 122 ?   ?   ?   A . n 
A 1 123 THR 123 123 ?   ?   ?   A . n 
A 1 124 GLN 124 124 ?   ?   ?   A . n 
A 1 125 LYS 125 125 125 LYS LYS A . n 
A 1 126 VAL 126 126 126 VAL VAL A . n 
A 1 127 ARG 127 127 127 ARG ARG A . n 
A 1 128 ILE 128 128 128 ILE ILE A . n 
A 1 129 GLU 129 129 129 GLU GLU A . n 
A 1 130 GLY 130 130 130 GLY GLY A . n 
A 1 131 SER 131 131 131 SER SER A . n 
A 1 132 LEU 132 132 132 LEU LEU A . n 
A 1 133 TRP 133 133 133 TRP TRP A . n 
A 1 134 TRP 134 134 134 TRP TRP A . n 
A 1 135 THR 135 135 135 THR THR A . n 
A 1 136 TYR 136 136 136 TYR TYR A . n 
A 1 137 THR 137 137 137 THR THR A . n 
A 1 138 SER 138 138 138 SER SER A . n 
A 1 139 SER 139 139 139 SER SER A . n 
A 1 140 ILE 140 140 140 ILE ILE A . n 
A 1 141 PHE 141 141 141 PHE PHE A . n 
A 1 142 PHE 142 142 142 PHE PHE A . n 
A 1 143 ARG 143 143 143 ARG ARG A . n 
A 1 144 VAL 144 144 144 VAL VAL A . n 
A 1 145 ILE 145 145 145 ILE ILE A . n 
A 1 146 PHE 146 146 146 PHE PHE A . n 
A 1 147 GLU 147 147 147 GLU GLU A . n 
A 1 148 ALA 148 148 148 ALA ALA A . n 
A 1 149 ALA 149 149 149 ALA ALA A . n 
A 1 150 PHE 150 150 150 PHE PHE A . n 
A 1 151 MET 151 151 151 MET MET A . n 
A 1 152 TYR 152 152 152 TYR TYR A . n 
A 1 153 VAL 153 153 153 VAL VAL A . n 
A 1 154 PHE 154 154 154 PHE PHE A . n 
A 1 155 TYR 155 155 155 TYR TYR A . n 
A 1 156 VAL 156 156 156 VAL VAL A . n 
A 1 157 MET 157 157 157 MET MET A . n 
A 1 158 TYR 158 158 158 TYR TYR A . n 
A 1 159 ASP 159 159 159 ASP ASP A . n 
A 1 160 GLY 160 160 160 GLY GLY A . n 
A 1 161 PHE 161 161 161 PHE PHE A . n 
A 1 162 SER 162 162 162 SER SER A . n 
A 1 163 MET 163 163 163 MET MET A . n 
A 1 164 GLN 164 164 164 GLN GLN A . n 
A 1 165 ARG 165 165 165 ARG ARG A . n 
A 1 166 LEU 166 166 166 LEU LEU A . n 
A 1 167 VAL 167 167 167 VAL VAL A . n 
A 1 168 LYS 168 168 168 LYS LYS A . n 
A 1 169 CYS 169 169 169 CYS CYS A . n 
A 1 170 ASN 170 170 170 ASN ASN A . n 
A 1 171 ALA 171 171 171 ALA ALA A . n 
A 1 172 TRP 172 172 172 TRP TRP A . n 
A 1 173 PRO 173 173 173 PRO PRO A . n 
A 1 174 CYS 174 174 174 CYS CYS A . n 
A 1 175 PRO 175 175 175 PRO PRO A . n 
A 1 176 ASN 176 176 176 ASN ASN A . n 
A 1 177 THR 177 177 177 THR THR A . n 
A 1 178 VAL 178 178 178 VAL VAL A . n 
A 1 179 ASP 179 179 179 ASP ASP A . n 
A 1 180 CYS 180 180 180 CYS CYS A . n 
A 1 181 PHE 181 181 181 PHE PHE A . n 
A 1 182 VAL 182 182 182 VAL VAL A . n 
A 1 183 SER 183 183 183 SER SER A . n 
A 1 184 ARG 184 184 184 ARG ARG A . n 
A 1 185 PRO 185 185 185 PRO PRO A . n 
A 1 186 THR 186 186 186 THR THR A . n 
A 1 187 GLU 187 187 187 GLU GLU A . n 
A 1 188 LYS 188 188 188 LYS LYS A . n 
A 1 189 THR 189 189 189 THR THR A . n 
A 1 190 VAL 190 190 190 VAL VAL A . n 
A 1 191 PHE 191 191 191 PHE PHE A . n 
A 1 192 THR 192 192 192 THR THR A . n 
A 1 193 VAL 193 193 193 VAL VAL A . n 
A 1 194 PHE 194 194 194 PHE PHE A . n 
A 1 195 MET 195 195 195 MET MET A . n 
A 1 196 ILE 196 196 196 ILE ILE A . n 
A 1 197 ALA 197 197 197 ALA ALA A . n 
A 1 198 VAL 198 198 198 VAL VAL A . n 
A 1 199 SER 199 199 199 SER SER A . n 
A 1 200 GLY 200 200 200 GLY GLY A . n 
A 1 201 ILE 201 201 201 ILE ILE A . n 
A 1 202 CYS 202 202 202 CYS CYS A . n 
A 1 203 ILE 203 203 203 ILE ILE A . n 
A 1 204 LEU 204 204 204 LEU LEU A . n 
A 1 205 LEU 205 205 205 LEU LEU A . n 
A 1 206 ASN 206 206 206 ASN ASN A . n 
A 1 207 VAL 207 207 207 VAL VAL A . n 
A 1 208 THR 208 208 208 THR THR A . n 
A 1 209 GLU 209 209 209 GLU GLU A . n 
A 1 210 LEU 210 210 210 LEU LEU A . n 
A 1 211 CYS 211 211 211 CYS CYS A . n 
A 1 212 TYR 212 212 212 TYR TYR A . n 
A 1 213 LEU 213 213 213 LEU LEU A . n 
A 1 214 LEU 214 214 214 LEU LEU A . n 
A 1 215 ILE 215 215 215 ILE ILE A . n 
A 1 216 ARG 216 216 216 ARG ARG A . n 
A 1 217 TYR 217 217 217 TYR TYR A . n 
A 1 218 CYS 218 218 ?   ?   ?   A . n 
A 1 219 SER 219 219 ?   ?   ?   A . n 
A 1 220 GLY 220 220 ?   ?   ?   A . n 
A 1 221 LYS 221 221 ?   ?   ?   A . n 
A 1 222 SER 222 222 ?   ?   ?   A . n 
A 1 223 LYS 223 223 ?   ?   ?   A . n 
A 1 224 LYS 224 224 ?   ?   ?   A . n 
A 1 225 PRO 225 225 ?   ?   ?   A . n 
A 1 226 VAL 226 226 ?   ?   ?   A . n 
A 1 227 LEU 227 227 ?   ?   ?   A . n 
A 1 228 VAL 228 228 ?   ?   ?   A . n 
A 1 229 PRO 229 229 ?   ?   ?   A . n 
A 1 230 ARG 230 230 ?   ?   ?   A . n 
A 1 231 GLY 231 231 ?   ?   ?   A . n 
A 1 232 SER 232 232 ?   ?   ?   A . n 
A 1 233 HIS 233 233 ?   ?   ?   A . n 
A 1 234 HIS 234 234 ?   ?   ?   A . n 
A 1 235 HIS 235 235 ?   ?   ?   A . n 
A 1 236 HIS 236 236 ?   ?   ?   A . n 
A 1 237 HIS 237 237 ?   ?   ?   A . n 
A 1 238 HIS 238 238 ?   ?   ?   A . n 
B 1 1   MET 1   1   ?   ?   ?   B . n 
B 1 2   ASP 2   2   ?   ?   ?   B . n 
B 1 3   TRP 3   3   ?   ?   ?   B . n 
B 1 4   GLY 4   4   ?   ?   ?   B . n 
B 1 5   THR 5   5   ?   ?   ?   B . n 
B 1 6   LEU 6   6   ?   ?   ?   B . n 
B 1 7   GLN 7   7   ?   ?   ?   B . n 
B 1 8   THR 8   8   ?   ?   ?   B . n 
B 1 9   ILE 9   9   ?   ?   ?   B . n 
B 1 10  LEU 10  10  ?   ?   ?   B . n 
B 1 11  GLY 11  11  ?   ?   ?   B . n 
B 1 12  GLY 12  12  ?   ?   ?   B . n 
B 1 13  VAL 13  13  ?   ?   ?   B . n 
B 1 14  ASN 14  14  ?   ?   ?   B . n 
B 1 15  LYS 15  15  ?   ?   ?   B . n 
B 1 16  HIS 16  16  ?   ?   ?   B . n 
B 1 17  SER 17  17  ?   ?   ?   B . n 
B 1 18  THR 18  18  18  THR THR B . n 
B 1 19  SER 19  19  19  SER SER B . n 
B 1 20  ILE 20  20  20  ILE ILE B . n 
B 1 21  GLY 21  21  21  GLY GLY B . n 
B 1 22  LYS 22  22  22  LYS LYS B . n 
B 1 23  ILE 23  23  23  ILE ILE B . n 
B 1 24  TRP 24  24  24  TRP TRP B . n 
B 1 25  LEU 25  25  25  LEU LEU B . n 
B 1 26  THR 26  26  26  THR THR B . n 
B 1 27  VAL 27  27  27  VAL VAL B . n 
B 1 28  LEU 28  28  28  LEU LEU B . n 
B 1 29  PHE 29  29  29  PHE PHE B . n 
B 1 30  ILE 30  30  30  ILE ILE B . n 
B 1 31  PHE 31  31  31  PHE PHE B . n 
B 1 32  ARG 32  32  32  ARG ARG B . n 
B 1 33  ILE 33  33  33  ILE ILE B . n 
B 1 34  MET 34  34  34  MET MET B . n 
B 1 35  ILE 35  35  35  ILE ILE B . n 
B 1 36  LEU 36  36  36  LEU LEU B . n 
B 1 37  VAL 37  37  37  VAL VAL B . n 
B 1 38  VAL 38  38  38  VAL VAL B . n 
B 1 39  ALA 39  39  39  ALA ALA B . n 
B 1 40  ALA 40  40  40  ALA ALA B . n 
B 1 41  LYS 41  41  41  LYS LYS B . n 
B 1 42  GLU 42  42  42  GLU GLU B . n 
B 1 43  VAL 43  43  43  VAL VAL B . n 
B 1 44  TRP 44  44  44  TRP TRP B . n 
B 1 45  GLY 45  45  45  GLY GLY B . n 
B 1 46  ASP 46  46  46  ASP ASP B . n 
B 1 47  GLU 47  47  47  GLU GLU B . n 
B 1 48  GLN 48  48  48  GLN GLN B . n 
B 1 49  ALA 49  49  49  ALA ALA B . n 
B 1 50  ASP 50  50  50  ASP ASP B . n 
B 1 51  PHE 51  51  51  PHE PHE B . n 
B 1 52  VAL 52  52  52  VAL VAL B . n 
B 1 53  CYS 53  53  53  CYS CYS B . n 
B 1 54  ASN 54  54  54  ASN ASN B . n 
B 1 55  THR 55  55  55  THR THR B . n 
B 1 56  LEU 56  56  56  LEU LEU B . n 
B 1 57  GLN 57  57  57  GLN GLN B . n 
B 1 58  PRO 58  58  58  PRO PRO B . n 
B 1 59  GLY 59  59  59  GLY GLY B . n 
B 1 60  CYS 60  60  60  CYS CYS B . n 
B 1 61  LYS 61  61  61  LYS LYS B . n 
B 1 62  ASN 62  62  62  ASN ASN B . n 
B 1 63  VAL 63  63  63  VAL VAL B . n 
B 1 64  CYS 64  64  64  CYS CYS B . n 
B 1 65  TYR 65  65  65  TYR TYR B . n 
B 1 66  ASP 66  66  66  ASP ASP B . n 
B 1 67  HIS 67  67  67  HIS HIS B . n 
B 1 68  TYR 68  68  68  TYR TYR B . n 
B 1 69  PHE 69  69  69  PHE PHE B . n 
B 1 70  PRO 70  70  70  PRO PRO B . n 
B 1 71  ILE 71  71  71  ILE ILE B . n 
B 1 72  SER 72  72  72  SER SER B . n 
B 1 73  HIS 73  73  73  HIS HIS B . n 
B 1 74  ILE 74  74  74  ILE ILE B . n 
B 1 75  ARG 75  75  75  ARG ARG B . n 
B 1 76  LEU 76  76  76  LEU LEU B . n 
B 1 77  TRP 77  77  77  TRP TRP B . n 
B 1 78  ALA 78  78  78  ALA ALA B . n 
B 1 79  LEU 79  79  79  LEU LEU B . n 
B 1 80  GLN 80  80  80  GLN GLN B . n 
B 1 81  LEU 81  81  81  LEU LEU B . n 
B 1 82  ILE 82  82  82  ILE ILE B . n 
B 1 83  PHE 83  83  83  PHE PHE B . n 
B 1 84  VAL 84  84  84  VAL VAL B . n 
B 1 85  SER 85  85  85  SER SER B . n 
B 1 86  THR 86  86  86  THR THR B . n 
B 1 87  PRO 87  87  87  PRO PRO B . n 
B 1 88  ALA 88  88  88  ALA ALA B . n 
B 1 89  LEU 89  89  89  LEU LEU B . n 
B 1 90  LEU 90  90  90  LEU LEU B . n 
B 1 91  VAL 91  91  91  VAL VAL B . n 
B 1 92  ALA 92  92  92  ALA ALA B . n 
B 1 93  MET 93  93  93  MET MET B . n 
B 1 94  HIS 94  94  94  HIS HIS B . n 
B 1 95  VAL 95  95  95  VAL VAL B . n 
B 1 96  ALA 96  96  96  ALA ALA B . n 
B 1 97  TYR 97  97  97  TYR TYR B . n 
B 1 98  ARG 98  98  98  ARG ARG B . n 
B 1 99  ARG 99  99  99  ARG ARG B . n 
B 1 100 HIS 100 100 100 HIS HIS B . n 
B 1 101 GLU 101 101 101 GLU GLU B . n 
B 1 102 LYS 102 102 102 LYS LYS B . n 
B 1 103 LYS 103 103 103 LYS LYS B . n 
B 1 104 ARG 104 104 104 ARG ARG B . n 
B 1 105 LYS 105 105 105 LYS LYS B . n 
B 1 106 PHE 106 106 106 PHE PHE B . n 
B 1 107 ILE 107 107 107 ILE ILE B . n 
B 1 108 LYS 108 108 108 LYS LYS B . n 
B 1 109 GLY 109 109 109 GLY GLY B . n 
B 1 110 GLU 110 110 ?   ?   ?   B . n 
B 1 111 ILE 111 111 ?   ?   ?   B . n 
B 1 112 LYS 112 112 ?   ?   ?   B . n 
B 1 113 SER 113 113 ?   ?   ?   B . n 
B 1 114 GLU 114 114 ?   ?   ?   B . n 
B 1 115 PHE 115 115 ?   ?   ?   B . n 
B 1 116 LYS 116 116 ?   ?   ?   B . n 
B 1 117 ASP 117 117 ?   ?   ?   B . n 
B 1 118 ILE 118 118 ?   ?   ?   B . n 
B 1 119 GLU 119 119 ?   ?   ?   B . n 
B 1 120 GLU 120 120 ?   ?   ?   B . n 
B 1 121 ILE 121 121 ?   ?   ?   B . n 
B 1 122 LYS 122 122 ?   ?   ?   B . n 
B 1 123 THR 123 123 ?   ?   ?   B . n 
B 1 124 GLN 124 124 ?   ?   ?   B . n 
B 1 125 LYS 125 125 125 LYS LYS B . n 
B 1 126 VAL 126 126 126 VAL VAL B . n 
B 1 127 ARG 127 127 127 ARG ARG B . n 
B 1 128 ILE 128 128 128 ILE ILE B . n 
B 1 129 GLU 129 129 129 GLU GLU B . n 
B 1 130 GLY 130 130 130 GLY GLY B . n 
B 1 131 SER 131 131 131 SER SER B . n 
B 1 132 LEU 132 132 132 LEU LEU B . n 
B 1 133 TRP 133 133 133 TRP TRP B . n 
B 1 134 TRP 134 134 134 TRP TRP B . n 
B 1 135 THR 135 135 135 THR THR B . n 
B 1 136 TYR 136 136 136 TYR TYR B . n 
B 1 137 THR 137 137 137 THR THR B . n 
B 1 138 SER 138 138 138 SER SER B . n 
B 1 139 SER 139 139 139 SER SER B . n 
B 1 140 ILE 140 140 140 ILE ILE B . n 
B 1 141 PHE 141 141 141 PHE PHE B . n 
B 1 142 PHE 142 142 142 PHE PHE B . n 
B 1 143 ARG 143 143 143 ARG ARG B . n 
B 1 144 VAL 144 144 144 VAL VAL B . n 
B 1 145 ILE 145 145 145 ILE ILE B . n 
B 1 146 PHE 146 146 146 PHE PHE B . n 
B 1 147 GLU 147 147 147 GLU GLU B . n 
B 1 148 ALA 148 148 148 ALA ALA B . n 
B 1 149 ALA 149 149 149 ALA ALA B . n 
B 1 150 PHE 150 150 150 PHE PHE B . n 
B 1 151 MET 151 151 151 MET MET B . n 
B 1 152 TYR 152 152 152 TYR TYR B . n 
B 1 153 VAL 153 153 153 VAL VAL B . n 
B 1 154 PHE 154 154 154 PHE PHE B . n 
B 1 155 TYR 155 155 155 TYR TYR B . n 
B 1 156 VAL 156 156 156 VAL VAL B . n 
B 1 157 MET 157 157 157 MET MET B . n 
B 1 158 TYR 158 158 158 TYR TYR B . n 
B 1 159 ASP 159 159 159 ASP ASP B . n 
B 1 160 GLY 160 160 160 GLY GLY B . n 
B 1 161 PHE 161 161 161 PHE PHE B . n 
B 1 162 SER 162 162 162 SER SER B . n 
B 1 163 MET 163 163 163 MET MET B . n 
B 1 164 GLN 164 164 164 GLN GLN B . n 
B 1 165 ARG 165 165 165 ARG ARG B . n 
B 1 166 LEU 166 166 166 LEU LEU B . n 
B 1 167 VAL 167 167 167 VAL VAL B . n 
B 1 168 LYS 168 168 168 LYS LYS B . n 
B 1 169 CYS 169 169 169 CYS CYS B . n 
B 1 170 ASN 170 170 170 ASN ASN B . n 
B 1 171 ALA 171 171 171 ALA ALA B . n 
B 1 172 TRP 172 172 172 TRP TRP B . n 
B 1 173 PRO 173 173 173 PRO PRO B . n 
B 1 174 CYS 174 174 174 CYS CYS B . n 
B 1 175 PRO 175 175 175 PRO PRO B . n 
B 1 176 ASN 176 176 176 ASN ASN B . n 
B 1 177 THR 177 177 177 THR THR B . n 
B 1 178 VAL 178 178 178 VAL VAL B . n 
B 1 179 ASP 179 179 179 ASP ASP B . n 
B 1 180 CYS 180 180 180 CYS CYS B . n 
B 1 181 PHE 181 181 181 PHE PHE B . n 
B 1 182 VAL 182 182 182 VAL VAL B . n 
B 1 183 SER 183 183 183 SER SER B . n 
B 1 184 ARG 184 184 184 ARG ARG B . n 
B 1 185 PRO 185 185 185 PRO PRO B . n 
B 1 186 THR 186 186 186 THR THR B . n 
B 1 187 GLU 187 187 187 GLU GLU B . n 
B 1 188 LYS 188 188 188 LYS LYS B . n 
B 1 189 THR 189 189 189 THR THR B . n 
B 1 190 VAL 190 190 190 VAL VAL B . n 
B 1 191 PHE 191 191 191 PHE PHE B . n 
B 1 192 THR 192 192 192 THR THR B . n 
B 1 193 VAL 193 193 193 VAL VAL B . n 
B 1 194 PHE 194 194 194 PHE PHE B . n 
B 1 195 MET 195 195 195 MET MET B . n 
B 1 196 ILE 196 196 196 ILE ILE B . n 
B 1 197 ALA 197 197 197 ALA ALA B . n 
B 1 198 VAL 198 198 198 VAL VAL B . n 
B 1 199 SER 199 199 199 SER SER B . n 
B 1 200 GLY 200 200 200 GLY GLY B . n 
B 1 201 ILE 201 201 201 ILE ILE B . n 
B 1 202 CYS 202 202 202 CYS CYS B . n 
B 1 203 ILE 203 203 203 ILE ILE B . n 
B 1 204 LEU 204 204 204 LEU LEU B . n 
B 1 205 LEU 205 205 205 LEU LEU B . n 
B 1 206 ASN 206 206 206 ASN ASN B . n 
B 1 207 VAL 207 207 207 VAL VAL B . n 
B 1 208 THR 208 208 208 THR THR B . n 
B 1 209 GLU 209 209 209 GLU GLU B . n 
B 1 210 LEU 210 210 210 LEU LEU B . n 
B 1 211 CYS 211 211 211 CYS CYS B . n 
B 1 212 TYR 212 212 212 TYR TYR B . n 
B 1 213 LEU 213 213 213 LEU LEU B . n 
B 1 214 LEU 214 214 214 LEU LEU B . n 
B 1 215 ILE 215 215 215 ILE ILE B . n 
B 1 216 ARG 216 216 216 ARG ARG B . n 
B 1 217 TYR 217 217 217 TYR TYR B . n 
B 1 218 CYS 218 218 ?   ?   ?   B . n 
B 1 219 SER 219 219 ?   ?   ?   B . n 
B 1 220 GLY 220 220 ?   ?   ?   B . n 
B 1 221 LYS 221 221 ?   ?   ?   B . n 
B 1 222 SER 222 222 ?   ?   ?   B . n 
B 1 223 LYS 223 223 ?   ?   ?   B . n 
B 1 224 LYS 224 224 ?   ?   ?   B . n 
B 1 225 PRO 225 225 ?   ?   ?   B . n 
B 1 226 VAL 226 226 ?   ?   ?   B . n 
B 1 227 LEU 227 227 ?   ?   ?   B . n 
B 1 228 VAL 228 228 ?   ?   ?   B . n 
B 1 229 PRO 229 229 ?   ?   ?   B . n 
B 1 230 ARG 230 230 ?   ?   ?   B . n 
B 1 231 GLY 231 231 ?   ?   ?   B . n 
B 1 232 SER 232 232 ?   ?   ?   B . n 
B 1 233 HIS 233 233 ?   ?   ?   B . n 
B 1 234 HIS 234 234 ?   ?   ?   B . n 
B 1 235 HIS 235 235 ?   ?   ?   B . n 
B 1 236 HIS 236 236 ?   ?   ?   B . n 
B 1 237 HIS 237 237 ?   ?   ?   B . n 
B 1 238 HIS 238 238 ?   ?   ?   B . n 
C 1 1   MET 1   1   ?   ?   ?   C . n 
C 1 2   ASP 2   2   ?   ?   ?   C . n 
C 1 3   TRP 3   3   ?   ?   ?   C . n 
C 1 4   GLY 4   4   ?   ?   ?   C . n 
C 1 5   THR 5   5   ?   ?   ?   C . n 
C 1 6   LEU 6   6   ?   ?   ?   C . n 
C 1 7   GLN 7   7   ?   ?   ?   C . n 
C 1 8   THR 8   8   ?   ?   ?   C . n 
C 1 9   ILE 9   9   ?   ?   ?   C . n 
C 1 10  LEU 10  10  ?   ?   ?   C . n 
C 1 11  GLY 11  11  ?   ?   ?   C . n 
C 1 12  GLY 12  12  ?   ?   ?   C . n 
C 1 13  VAL 13  13  ?   ?   ?   C . n 
C 1 14  ASN 14  14  ?   ?   ?   C . n 
C 1 15  LYS 15  15  ?   ?   ?   C . n 
C 1 16  HIS 16  16  ?   ?   ?   C . n 
C 1 17  SER 17  17  ?   ?   ?   C . n 
C 1 18  THR 18  18  18  THR THR C . n 
C 1 19  SER 19  19  19  SER SER C . n 
C 1 20  ILE 20  20  20  ILE ILE C . n 
C 1 21  GLY 21  21  21  GLY GLY C . n 
C 1 22  LYS 22  22  22  LYS LYS C . n 
C 1 23  ILE 23  23  23  ILE ILE C . n 
C 1 24  TRP 24  24  24  TRP TRP C . n 
C 1 25  LEU 25  25  25  LEU LEU C . n 
C 1 26  THR 26  26  26  THR THR C . n 
C 1 27  VAL 27  27  27  VAL VAL C . n 
C 1 28  LEU 28  28  28  LEU LEU C . n 
C 1 29  PHE 29  29  29  PHE PHE C . n 
C 1 30  ILE 30  30  30  ILE ILE C . n 
C 1 31  PHE 31  31  31  PHE PHE C . n 
C 1 32  ARG 32  32  32  ARG ARG C . n 
C 1 33  ILE 33  33  33  ILE ILE C . n 
C 1 34  MET 34  34  34  MET MET C . n 
C 1 35  ILE 35  35  35  ILE ILE C . n 
C 1 36  LEU 36  36  36  LEU LEU C . n 
C 1 37  VAL 37  37  37  VAL VAL C . n 
C 1 38  VAL 38  38  38  VAL VAL C . n 
C 1 39  ALA 39  39  39  ALA ALA C . n 
C 1 40  ALA 40  40  40  ALA ALA C . n 
C 1 41  LYS 41  41  41  LYS LYS C . n 
C 1 42  GLU 42  42  42  GLU GLU C . n 
C 1 43  VAL 43  43  43  VAL VAL C . n 
C 1 44  TRP 44  44  44  TRP TRP C . n 
C 1 45  GLY 45  45  45  GLY GLY C . n 
C 1 46  ASP 46  46  46  ASP ASP C . n 
C 1 47  GLU 47  47  47  GLU GLU C . n 
C 1 48  GLN 48  48  48  GLN GLN C . n 
C 1 49  ALA 49  49  49  ALA ALA C . n 
C 1 50  ASP 50  50  50  ASP ASP C . n 
C 1 51  PHE 51  51  51  PHE PHE C . n 
C 1 52  VAL 52  52  52  VAL VAL C . n 
C 1 53  CYS 53  53  53  CYS CYS C . n 
C 1 54  ASN 54  54  54  ASN ASN C . n 
C 1 55  THR 55  55  55  THR THR C . n 
C 1 56  LEU 56  56  56  LEU LEU C . n 
C 1 57  GLN 57  57  57  GLN GLN C . n 
C 1 58  PRO 58  58  58  PRO PRO C . n 
C 1 59  GLY 59  59  59  GLY GLY C . n 
C 1 60  CYS 60  60  60  CYS CYS C . n 
C 1 61  LYS 61  61  61  LYS LYS C . n 
C 1 62  ASN 62  62  62  ASN ASN C . n 
C 1 63  VAL 63  63  63  VAL VAL C . n 
C 1 64  CYS 64  64  64  CYS CYS C . n 
C 1 65  TYR 65  65  65  TYR TYR C . n 
C 1 66  ASP 66  66  66  ASP ASP C . n 
C 1 67  HIS 67  67  67  HIS HIS C . n 
C 1 68  TYR 68  68  68  TYR TYR C . n 
C 1 69  PHE 69  69  69  PHE PHE C . n 
C 1 70  PRO 70  70  70  PRO PRO C . n 
C 1 71  ILE 71  71  71  ILE ILE C . n 
C 1 72  SER 72  72  72  SER SER C . n 
C 1 73  HIS 73  73  73  HIS HIS C . n 
C 1 74  ILE 74  74  74  ILE ILE C . n 
C 1 75  ARG 75  75  75  ARG ARG C . n 
C 1 76  LEU 76  76  76  LEU LEU C . n 
C 1 77  TRP 77  77  77  TRP TRP C . n 
C 1 78  ALA 78  78  78  ALA ALA C . n 
C 1 79  LEU 79  79  79  LEU LEU C . n 
C 1 80  GLN 80  80  80  GLN GLN C . n 
C 1 81  LEU 81  81  81  LEU LEU C . n 
C 1 82  ILE 82  82  82  ILE ILE C . n 
C 1 83  PHE 83  83  83  PHE PHE C . n 
C 1 84  VAL 84  84  84  VAL VAL C . n 
C 1 85  SER 85  85  85  SER SER C . n 
C 1 86  THR 86  86  86  THR THR C . n 
C 1 87  PRO 87  87  87  PRO PRO C . n 
C 1 88  ALA 88  88  88  ALA ALA C . n 
C 1 89  LEU 89  89  89  LEU LEU C . n 
C 1 90  LEU 90  90  90  LEU LEU C . n 
C 1 91  VAL 91  91  91  VAL VAL C . n 
C 1 92  ALA 92  92  92  ALA ALA C . n 
C 1 93  MET 93  93  93  MET MET C . n 
C 1 94  HIS 94  94  94  HIS HIS C . n 
C 1 95  VAL 95  95  95  VAL VAL C . n 
C 1 96  ALA 96  96  96  ALA ALA C . n 
C 1 97  TYR 97  97  97  TYR TYR C . n 
C 1 98  ARG 98  98  98  ARG ARG C . n 
C 1 99  ARG 99  99  99  ARG ARG C . n 
C 1 100 HIS 100 100 100 HIS HIS C . n 
C 1 101 GLU 101 101 101 GLU GLU C . n 
C 1 102 LYS 102 102 102 LYS LYS C . n 
C 1 103 LYS 103 103 103 LYS LYS C . n 
C 1 104 ARG 104 104 104 ARG ARG C . n 
C 1 105 LYS 105 105 105 LYS LYS C . n 
C 1 106 PHE 106 106 106 PHE PHE C . n 
C 1 107 ILE 107 107 107 ILE ILE C . n 
C 1 108 LYS 108 108 108 LYS LYS C . n 
C 1 109 GLY 109 109 109 GLY GLY C . n 
C 1 110 GLU 110 110 ?   ?   ?   C . n 
C 1 111 ILE 111 111 ?   ?   ?   C . n 
C 1 112 LYS 112 112 ?   ?   ?   C . n 
C 1 113 SER 113 113 ?   ?   ?   C . n 
C 1 114 GLU 114 114 ?   ?   ?   C . n 
C 1 115 PHE 115 115 ?   ?   ?   C . n 
C 1 116 LYS 116 116 ?   ?   ?   C . n 
C 1 117 ASP 117 117 ?   ?   ?   C . n 
C 1 118 ILE 118 118 ?   ?   ?   C . n 
C 1 119 GLU 119 119 ?   ?   ?   C . n 
C 1 120 GLU 120 120 ?   ?   ?   C . n 
C 1 121 ILE 121 121 ?   ?   ?   C . n 
C 1 122 LYS 122 122 ?   ?   ?   C . n 
C 1 123 THR 123 123 ?   ?   ?   C . n 
C 1 124 GLN 124 124 ?   ?   ?   C . n 
C 1 125 LYS 125 125 125 LYS LYS C . n 
C 1 126 VAL 126 126 126 VAL VAL C . n 
C 1 127 ARG 127 127 127 ARG ARG C . n 
C 1 128 ILE 128 128 128 ILE ILE C . n 
C 1 129 GLU 129 129 129 GLU GLU C . n 
C 1 130 GLY 130 130 130 GLY GLY C . n 
C 1 131 SER 131 131 131 SER SER C . n 
C 1 132 LEU 132 132 132 LEU LEU C . n 
C 1 133 TRP 133 133 133 TRP TRP C . n 
C 1 134 TRP 134 134 134 TRP TRP C . n 
C 1 135 THR 135 135 135 THR THR C . n 
C 1 136 TYR 136 136 136 TYR TYR C . n 
C 1 137 THR 137 137 137 THR THR C . n 
C 1 138 SER 138 138 138 SER SER C . n 
C 1 139 SER 139 139 139 SER SER C . n 
C 1 140 ILE 140 140 140 ILE ILE C . n 
C 1 141 PHE 141 141 141 PHE PHE C . n 
C 1 142 PHE 142 142 142 PHE PHE C . n 
C 1 143 ARG 143 143 143 ARG ARG C . n 
C 1 144 VAL 144 144 144 VAL VAL C . n 
C 1 145 ILE 145 145 145 ILE ILE C . n 
C 1 146 PHE 146 146 146 PHE PHE C . n 
C 1 147 GLU 147 147 147 GLU GLU C . n 
C 1 148 ALA 148 148 148 ALA ALA C . n 
C 1 149 ALA 149 149 149 ALA ALA C . n 
C 1 150 PHE 150 150 150 PHE PHE C . n 
C 1 151 MET 151 151 151 MET MET C . n 
C 1 152 TYR 152 152 152 TYR TYR C . n 
C 1 153 VAL 153 153 153 VAL VAL C . n 
C 1 154 PHE 154 154 154 PHE PHE C . n 
C 1 155 TYR 155 155 155 TYR TYR C . n 
C 1 156 VAL 156 156 156 VAL VAL C . n 
C 1 157 MET 157 157 157 MET MET C . n 
C 1 158 TYR 158 158 158 TYR TYR C . n 
C 1 159 ASP 159 159 159 ASP ASP C . n 
C 1 160 GLY 160 160 160 GLY GLY C . n 
C 1 161 PHE 161 161 161 PHE PHE C . n 
C 1 162 SER 162 162 162 SER SER C . n 
C 1 163 MET 163 163 163 MET MET C . n 
C 1 164 GLN 164 164 164 GLN GLN C . n 
C 1 165 ARG 165 165 165 ARG ARG C . n 
C 1 166 LEU 166 166 166 LEU LEU C . n 
C 1 167 VAL 167 167 167 VAL VAL C . n 
C 1 168 LYS 168 168 168 LYS LYS C . n 
C 1 169 CYS 169 169 169 CYS CYS C . n 
C 1 170 ASN 170 170 170 ASN ASN C . n 
C 1 171 ALA 171 171 171 ALA ALA C . n 
C 1 172 TRP 172 172 172 TRP TRP C . n 
C 1 173 PRO 173 173 173 PRO PRO C . n 
C 1 174 CYS 174 174 174 CYS CYS C . n 
C 1 175 PRO 175 175 175 PRO PRO C . n 
C 1 176 ASN 176 176 176 ASN ASN C . n 
C 1 177 THR 177 177 177 THR THR C . n 
C 1 178 VAL 178 178 178 VAL VAL C . n 
C 1 179 ASP 179 179 179 ASP ASP C . n 
C 1 180 CYS 180 180 180 CYS CYS C . n 
C 1 181 PHE 181 181 181 PHE PHE C . n 
C 1 182 VAL 182 182 182 VAL VAL C . n 
C 1 183 SER 183 183 183 SER SER C . n 
C 1 184 ARG 184 184 184 ARG ARG C . n 
C 1 185 PRO 185 185 185 PRO PRO C . n 
C 1 186 THR 186 186 186 THR THR C . n 
C 1 187 GLU 187 187 187 GLU GLU C . n 
C 1 188 LYS 188 188 188 LYS LYS C . n 
C 1 189 THR 189 189 189 THR THR C . n 
C 1 190 VAL 190 190 190 VAL VAL C . n 
C 1 191 PHE 191 191 191 PHE PHE C . n 
C 1 192 THR 192 192 192 THR THR C . n 
C 1 193 VAL 193 193 193 VAL VAL C . n 
C 1 194 PHE 194 194 194 PHE PHE C . n 
C 1 195 MET 195 195 195 MET MET C . n 
C 1 196 ILE 196 196 196 ILE ILE C . n 
C 1 197 ALA 197 197 197 ALA ALA C . n 
C 1 198 VAL 198 198 198 VAL VAL C . n 
C 1 199 SER 199 199 199 SER SER C . n 
C 1 200 GLY 200 200 200 GLY GLY C . n 
C 1 201 ILE 201 201 201 ILE ILE C . n 
C 1 202 CYS 202 202 202 CYS CYS C . n 
C 1 203 ILE 203 203 203 ILE ILE C . n 
C 1 204 LEU 204 204 204 LEU LEU C . n 
C 1 205 LEU 205 205 205 LEU LEU C . n 
C 1 206 ASN 206 206 206 ASN ASN C . n 
C 1 207 VAL 207 207 207 VAL VAL C . n 
C 1 208 THR 208 208 208 THR THR C . n 
C 1 209 GLU 209 209 209 GLU GLU C . n 
C 1 210 LEU 210 210 210 LEU LEU C . n 
C 1 211 CYS 211 211 211 CYS CYS C . n 
C 1 212 TYR 212 212 212 TYR TYR C . n 
C 1 213 LEU 213 213 213 LEU LEU C . n 
C 1 214 LEU 214 214 214 LEU LEU C . n 
C 1 215 ILE 215 215 215 ILE ILE C . n 
C 1 216 ARG 216 216 216 ARG ARG C . n 
C 1 217 TYR 217 217 217 TYR TYR C . n 
C 1 218 CYS 218 218 ?   ?   ?   C . n 
C 1 219 SER 219 219 ?   ?   ?   C . n 
C 1 220 GLY 220 220 ?   ?   ?   C . n 
C 1 221 LYS 221 221 ?   ?   ?   C . n 
C 1 222 SER 222 222 ?   ?   ?   C . n 
C 1 223 LYS 223 223 ?   ?   ?   C . n 
C 1 224 LYS 224 224 ?   ?   ?   C . n 
C 1 225 PRO 225 225 ?   ?   ?   C . n 
C 1 226 VAL 226 226 ?   ?   ?   C . n 
C 1 227 LEU 227 227 ?   ?   ?   C . n 
C 1 228 VAL 228 228 ?   ?   ?   C . n 
C 1 229 PRO 229 229 ?   ?   ?   C . n 
C 1 230 ARG 230 230 ?   ?   ?   C . n 
C 1 231 GLY 231 231 ?   ?   ?   C . n 
C 1 232 SER 232 232 ?   ?   ?   C . n 
C 1 233 HIS 233 233 ?   ?   ?   C . n 
C 1 234 HIS 234 234 ?   ?   ?   C . n 
C 1 235 HIS 235 235 ?   ?   ?   C . n 
C 1 236 HIS 236 236 ?   ?   ?   C . n 
C 1 237 HIS 237 237 ?   ?   ?   C . n 
C 1 238 HIS 238 238 ?   ?   ?   C . n 
# 
_cell.entry_id           3IZ1 
_cell.length_a           112.400 
_cell.length_b           111.200 
_cell.length_c           300.000 
_cell.angle_alpha        90.00 
_cell.angle_beta         90.00 
_cell.angle_gamma        90.00 
_cell.Z_PDB              12 
_cell.pdbx_unique_axis   ? 
_cell.length_a_esd       ? 
_cell.length_b_esd       ? 
_cell.length_c_esd       ? 
_cell.angle_alpha_esd    ? 
_cell.angle_beta_esd     ? 
_cell.angle_gamma_esd    ? 
# 
_symmetry.entry_id                         3IZ1 
_symmetry.space_group_name_H-M             'P 21 21 2' 
_symmetry.pdbx_full_space_group_name_H-M   ? 
_symmetry.cell_setting                     ? 
_symmetry.Int_Tables_number                18 
_symmetry.space_group_name_Hall            ? 
# 
_exptl.entry_id          3IZ1 
_exptl.method            'ELECTRON CRYSTALLOGRAPHY' 
_exptl.crystals_number   ? 
# 
_exptl_crystal.id                    1 
_exptl_crystal.density_meas          ? 
_exptl_crystal.density_percent_sol   ? 
_exptl_crystal.density_Matthews      ? 
_exptl_crystal.description           ? 
_exptl_crystal.F_000                 ? 
_exptl_crystal.preparation           ? 
# 
_diffrn.id                     1 
_diffrn.ambient_temp           ? 
_diffrn.ambient_temp_details   ? 
_diffrn.crystal_id             1 
# 
_diffrn_radiation.diffrn_id                        1 
_diffrn_radiation.wavelength_id                    1 
_diffrn_radiation.pdbx_monochromatic_or_laue_m_l   M 
_diffrn_radiation.monochromator                    ? 
_diffrn_radiation.pdbx_diffrn_protocol             'SINGLE WAVELENGTH' 
_diffrn_radiation.pdbx_scattering_type             electron 
# 
_diffrn_radiation_wavelength.id           1 
_diffrn_radiation_wavelength.wavelength   . 
_diffrn_radiation_wavelength.wt           1.0 
# 
_refine_hist.pdbx_refine_id                   'ELECTRON CRYSTALLOGRAPHY' 
_refine_hist.cycle_id                         LAST 
_refine_hist.pdbx_number_atoms_protein        555 
_refine_hist.pdbx_number_atoms_nucleic_acid   0 
_refine_hist.pdbx_number_atoms_ligand         0 
_refine_hist.number_atoms_solvent             0 
_refine_hist.number_atoms_total               555 
_refine_hist.d_res_high                       . 
_refine_hist.d_res_low                        . 
# 
_struct.entry_id                  3IZ1 
_struct.title                     'C-alpha model fitted into the EM structure of Cx26M34A' 
_struct.pdbx_model_details        ? 
_struct.pdbx_CASP_flag            ? 
_struct.pdbx_model_type_details   ? 
# 
_struct_keywords.entry_id        3IZ1 
_struct_keywords.pdbx_keywords   'MEMBRANE PROTEIN' 
_struct_keywords.text            'Membrane protein, Gap Junction channel' 
# 
loop_
_struct_asym.id 
_struct_asym.pdbx_blank_PDB_chainid_flag 
_struct_asym.pdbx_modified 
_struct_asym.entity_id 
_struct_asym.details 
A N N 1 ? 
B N N 1 ? 
C N N 1 ? 
# 
_struct_ref.id                         1 
_struct_ref.db_name                    UNP 
_struct_ref.db_code                    CXB2_HUMAN 
_struct_ref.pdbx_db_accession          P29033 
_struct_ref.entity_id                  1 
_struct_ref.pdbx_seq_one_letter_code   
;MDWGTLQTILGGVNKHSTSIGKIWLTVLFIFRIMILVVAAKEVWGDEQADFVCNTLQPGCKNVCYDHYFPISHIRLWALQ
LIFVSTPALLVAMHVAYRRHEKKRKFIKGEIKSEFKDIEEIKTQKVRIEGSLWWTYTSSIFFRVIFEAAFMYVFYVMYDG
FSMQRLVKCNAWPCPNTVDCFVSRPTEKTVFTVFMIAVSGICILLNVTELCYLLIRYCSGKSKKPV
;
_struct_ref.pdbx_align_begin           1 
_struct_ref.pdbx_db_isoform            ? 
# 
loop_
_struct_ref_seq.align_id 
_struct_ref_seq.ref_id 
_struct_ref_seq.pdbx_PDB_id_code 
_struct_ref_seq.pdbx_strand_id 
_struct_ref_seq.seq_align_beg 
_struct_ref_seq.pdbx_seq_align_beg_ins_code 
_struct_ref_seq.seq_align_end 
_struct_ref_seq.pdbx_seq_align_end_ins_code 
_struct_ref_seq.pdbx_db_accession 
_struct_ref_seq.db_align_beg 
_struct_ref_seq.pdbx_db_align_beg_ins_code 
_struct_ref_seq.db_align_end 
_struct_ref_seq.pdbx_db_align_end_ins_code 
_struct_ref_seq.pdbx_auth_seq_align_beg 
_struct_ref_seq.pdbx_auth_seq_align_end 
1 1 3IZ1 A 1 ? 226 ? P29033 1 ? 226 ? 1 226 
2 1 3IZ1 B 1 ? 226 ? P29033 1 ? 226 ? 1 226 
3 1 3IZ1 C 1 ? 226 ? P29033 1 ? 226 ? 1 226 
# 
loop_
_struct_ref_seq_dif.align_id 
_struct_ref_seq_dif.pdbx_pdb_id_code 
_struct_ref_seq_dif.mon_id 
_struct_ref_seq_dif.pdbx_pdb_strand_id 
_struct_ref_seq_dif.seq_num 
_struct_ref_seq_dif.pdbx_pdb_ins_code 
_struct_ref_seq_dif.pdbx_seq_db_name 
_struct_ref_seq_dif.pdbx_seq_db_accession_code 
_struct_ref_seq_dif.db_mon_id 
_struct_ref_seq_dif.pdbx_seq_db_seq_num 
_struct_ref_seq_dif.details 
_struct_ref_seq_dif.pdbx_auth_seq_num 
_struct_ref_seq_dif.pdbx_ordinal 
1 3IZ1 LEU A 227 ? UNP P29033 ? ? 'expression tag' 227 1  
1 3IZ1 VAL A 228 ? UNP P29033 ? ? 'expression tag' 228 2  
1 3IZ1 PRO A 229 ? UNP P29033 ? ? 'expression tag' 229 3  
1 3IZ1 ARG A 230 ? UNP P29033 ? ? 'expression tag' 230 4  
1 3IZ1 GLY A 231 ? UNP P29033 ? ? 'expression tag' 231 5  
1 3IZ1 SER A 232 ? UNP P29033 ? ? 'expression tag' 232 6  
1 3IZ1 HIS A 233 ? UNP P29033 ? ? 'expression tag' 233 7  
1 3IZ1 HIS A 234 ? UNP P29033 ? ? 'expression tag' 234 8  
1 3IZ1 HIS A 235 ? UNP P29033 ? ? 'expression tag' 235 9  
1 3IZ1 HIS A 236 ? UNP P29033 ? ? 'expression tag' 236 10 
1 3IZ1 HIS A 237 ? UNP P29033 ? ? 'expression tag' 237 11 
1 3IZ1 HIS A 238 ? UNP P29033 ? ? 'expression tag' 238 12 
2 3IZ1 LEU B 227 ? UNP P29033 ? ? 'expression tag' 227 13 
2 3IZ1 VAL B 228 ? UNP P29033 ? ? 'expression tag' 228 14 
2 3IZ1 PRO B 229 ? UNP P29033 ? ? 'expression tag' 229 15 
2 3IZ1 ARG B 230 ? UNP P29033 ? ? 'expression tag' 230 16 
2 3IZ1 GLY B 231 ? UNP P29033 ? ? 'expression tag' 231 17 
2 3IZ1 SER B 232 ? UNP P29033 ? ? 'expression tag' 232 18 
2 3IZ1 HIS B 233 ? UNP P29033 ? ? 'expression tag' 233 19 
2 3IZ1 HIS B 234 ? UNP P29033 ? ? 'expression tag' 234 20 
2 3IZ1 HIS B 235 ? UNP P29033 ? ? 'expression tag' 235 21 
2 3IZ1 HIS B 236 ? UNP P29033 ? ? 'expression tag' 236 22 
2 3IZ1 HIS B 237 ? UNP P29033 ? ? 'expression tag' 237 23 
2 3IZ1 HIS B 238 ? UNP P29033 ? ? 'expression tag' 238 24 
3 3IZ1 LEU C 227 ? UNP P29033 ? ? 'expression tag' 227 25 
3 3IZ1 VAL C 228 ? UNP P29033 ? ? 'expression tag' 228 26 
3 3IZ1 PRO C 229 ? UNP P29033 ? ? 'expression tag' 229 27 
3 3IZ1 ARG C 230 ? UNP P29033 ? ? 'expression tag' 230 28 
3 3IZ1 GLY C 231 ? UNP P29033 ? ? 'expression tag' 231 29 
3 3IZ1 SER C 232 ? UNP P29033 ? ? 'expression tag' 232 30 
3 3IZ1 HIS C 233 ? UNP P29033 ? ? 'expression tag' 233 31 
3 3IZ1 HIS C 234 ? UNP P29033 ? ? 'expression tag' 234 32 
3 3IZ1 HIS C 235 ? UNP P29033 ? ? 'expression tag' 235 33 
3 3IZ1 HIS C 236 ? UNP P29033 ? ? 'expression tag' 236 34 
3 3IZ1 HIS C 237 ? UNP P29033 ? ? 'expression tag' 237 35 
3 3IZ1 HIS C 238 ? UNP P29033 ? ? 'expression tag' 238 36 
# 
_pdbx_struct_assembly.id                   1 
_pdbx_struct_assembly.details              author_defined_assembly 
_pdbx_struct_assembly.method_details       ? 
_pdbx_struct_assembly.oligomeric_details   hexameric 
_pdbx_struct_assembly.oligomeric_count     6 
# 
_pdbx_struct_assembly_gen.assembly_id       1 
_pdbx_struct_assembly_gen.oper_expression   1,2 
_pdbx_struct_assembly_gen.asym_id_list      A,B,C 
# 
loop_
_pdbx_struct_oper_list.id 
_pdbx_struct_oper_list.type 
_pdbx_struct_oper_list.name 
_pdbx_struct_oper_list.symmetry_operation 
_pdbx_struct_oper_list.matrix[1][1] 
_pdbx_struct_oper_list.matrix[1][2] 
_pdbx_struct_oper_list.matrix[1][3] 
_pdbx_struct_oper_list.vector[1] 
_pdbx_struct_oper_list.matrix[2][1] 
_pdbx_struct_oper_list.matrix[2][2] 
_pdbx_struct_oper_list.matrix[2][3] 
_pdbx_struct_oper_list.vector[2] 
_pdbx_struct_oper_list.matrix[3][1] 
_pdbx_struct_oper_list.matrix[3][2] 
_pdbx_struct_oper_list.matrix[3][3] 
_pdbx_struct_oper_list.vector[3] 
1 'identity operation'         1_555 x,y,z   1.0000000000  0.0000000000 0.0000000000  0.0000000000  0.0000000000 1.0000000000  0.0000000000  0.0000000000   0.0000000000  0.0000000000  1.0000000000 0.0000000000  
2 'crystal symmetry operation' 2_555 -x,-y,z -0.0591612973 0.2205255399 -0.9735853466 -0.1085245408 0.2205255399 -0.9483104664 -0.2282011078 -33.3432057435 -0.9735853466 -0.2282011078 0.0074717637 -7.6574001076 
# 
_struct_biol.id        1 
_struct_biol.details   ? 
# 
_em_3d_fitting.id                1 
_em_3d_fitting.entry_id          3IZ1 
_em_3d_fitting.ref_protocol      'FLEXIBLE FIT' 
_em_3d_fitting.ref_space         REAL 
_em_3d_fitting.overall_b_value   ? 
_em_3d_fitting.target_criteria   'Cross-correlation coefficient' 
_em_3d_fitting.details           
;METHOD--Local refinement, Flexible fitting REFINEMENT PROTOCOL--rigid body 
DETAILS--Initial local fitting was done using O, and Situs was used for 
flexible fitting.
;
_em_3d_fitting.method            ? 
# 
_em_3d_fitting_list.3d_fitting_id                 1 
_em_3d_fitting_list.id                            1 
_em_3d_fitting_list.pdb_entry_id                  2ZW3 
_em_3d_fitting_list.pdb_chain_id                  ? 
_em_3d_fitting_list.details                       ? 
_em_3d_fitting_list.initial_refinement_model_id   1 
_em_3d_fitting_list.chain_id                      ? 
_em_3d_fitting_list.chain_residue_range           ? 
_em_3d_fitting_list.pdb_chain_residue_range       ? 
_em_3d_fitting_list.source_name                   PDB 
_em_3d_fitting_list.type                          'experimental model' 
_em_3d_fitting_list.accession_code                2ZW3 
# 
_em_3d_reconstruction.entry_id                    3IZ1 
_em_3d_reconstruction.id                          1 
_em_3d_reconstruction.symmetry_type               '2D CRYSTAL' 
_em_3d_reconstruction.image_processing_id         1 
_em_3d_reconstruction.method                      'Lattice line fitting' 
_em_3d_reconstruction.nominal_pixel_size          ? 
_em_3d_reconstruction.actual_pixel_size           ? 
_em_3d_reconstruction.resolution                  6.0 
_em_3d_reconstruction.magnification_calibration   'carbon grating' 
_em_3d_reconstruction.details                     ? 
_em_3d_reconstruction.resolution_method           ? 
_em_3d_reconstruction.num_class_averages          ? 
_em_3d_reconstruction.num_particles               ? 
_em_3d_reconstruction.algorithm                   ? 
# 
_em_buffer.id            1 
_em_buffer.specimen_id   1 
_em_buffer.name          '10mM MES' 
_em_buffer.pH            5.8 
_em_buffer.details       '10mM MES' 
# 
_em_entity_assembly.id                   1 
_em_entity_assembly.name                 'human connexin26 M34A mutant' 
_em_entity_assembly.type                 COMPLEX 
_em_entity_assembly.parent_id            0 
_em_entity_assembly.synonym              ? 
_em_entity_assembly.details              ? 
_em_entity_assembly.oligomeric_details   ? 
# 
_em_imaging.entry_id                        3IZ1 
_em_imaging.id                              1 
_em_imaging.illumination_mode               'FLOOD BEAM' 
_em_imaging.specimen_id                     1 
_em_imaging.date                            2008-10-03 
_em_imaging.temperature                     4.2 
_em_imaging.microscope_model                'JEOL KYOTO-3000SFF' 
_em_imaging.nominal_defocus_min             458 
_em_imaging.nominal_defocus_max             3939 
_em_imaging.tilt_angle_min                  0 
_em_imaging.tilt_angle_max                  60 
_em_imaging.nominal_cs                      1.6 
_em_imaging.mode                            'BRIGHT FIELD' 
_em_imaging.nominal_magnification           40000 
_em_imaging.calibrated_magnification        39000 
_em_imaging.electron_source                 'FIELD EMISSION GUN' 
_em_imaging.accelerating_voltage            300 
_em_imaging.details                         ? 
_em_imaging.specimen_holder_type            ? 
_em_imaging.specimen_holder_model           ? 
_em_imaging.citation_id                     ? 
_em_imaging.detector_distance               ? 
_em_imaging.recording_temperature_maximum   ? 
_em_imaging.recording_temperature_minimum   ? 
_em_imaging.astigmatism                     ? 
_em_imaging.electron_beam_tilt_params       ? 
# 
_em_vitrification.entry_id              3IZ1 
_em_vitrification.id                    1 
_em_vitrification.instrument            'REICHERT-JUNG PLUNGER' 
_em_vitrification.temp                  93 
_em_vitrification.details               ? 
_em_vitrification.citation_id           ? 
_em_vitrification.cryogen_name          NITROGEN 
_em_vitrification.humidity              ? 
_em_vitrification.method                'The grids were blotted with filter paper and fast frozen into liquid nitrogen' 
_em_vitrification.specimen_id           1 
_em_vitrification.time_resolved_state   ? 
# 
_em_experiment.entry_id                3IZ1 
_em_experiment.id                      1 
_em_experiment.aggregation_state       '2D ARRAY' 
_em_experiment.entity_assembly_id      1 
_em_experiment.reconstruction_method   CRYSTALLOGRAPHY 
# 
loop_
_pdbx_unobs_or_zero_occ_residues.id 
_pdbx_unobs_or_zero_occ_residues.PDB_model_num 
_pdbx_unobs_or_zero_occ_residues.polymer_flag 
_pdbx_unobs_or_zero_occ_residues.occupancy_flag 
_pdbx_unobs_or_zero_occ_residues.auth_asym_id 
_pdbx_unobs_or_zero_occ_residues.auth_comp_id 
_pdbx_unobs_or_zero_occ_residues.auth_seq_id 
_pdbx_unobs_or_zero_occ_residues.PDB_ins_code 
_pdbx_unobs_or_zero_occ_residues.label_asym_id 
_pdbx_unobs_or_zero_occ_residues.label_comp_id 
_pdbx_unobs_or_zero_occ_residues.label_seq_id 
1   1 Y 1 A MET 1   ? A MET 1   
2   1 Y 1 A ASP 2   ? A ASP 2   
3   1 Y 1 A TRP 3   ? A TRP 3   
4   1 Y 1 A GLY 4   ? A GLY 4   
5   1 Y 1 A THR 5   ? A THR 5   
6   1 Y 1 A LEU 6   ? A LEU 6   
7   1 Y 1 A GLN 7   ? A GLN 7   
8   1 Y 1 A THR 8   ? A THR 8   
9   1 Y 1 A ILE 9   ? A ILE 9   
10  1 Y 1 A LEU 10  ? A LEU 10  
11  1 Y 1 A GLY 11  ? A GLY 11  
12  1 Y 1 A GLY 12  ? A GLY 12  
13  1 Y 1 A VAL 13  ? A VAL 13  
14  1 Y 1 A ASN 14  ? A ASN 14  
15  1 Y 1 A LYS 15  ? A LYS 15  
16  1 Y 1 A HIS 16  ? A HIS 16  
17  1 Y 1 A SER 17  ? A SER 17  
18  1 Y 1 A GLU 110 ? A GLU 110 
19  1 Y 1 A ILE 111 ? A ILE 111 
20  1 Y 1 A LYS 112 ? A LYS 112 
21  1 Y 1 A SER 113 ? A SER 113 
22  1 Y 1 A GLU 114 ? A GLU 114 
23  1 Y 1 A PHE 115 ? A PHE 115 
24  1 Y 1 A LYS 116 ? A LYS 116 
25  1 Y 1 A ASP 117 ? A ASP 117 
26  1 Y 1 A ILE 118 ? A ILE 118 
27  1 Y 1 A GLU 119 ? A GLU 119 
28  1 Y 1 A GLU 120 ? A GLU 120 
29  1 Y 1 A ILE 121 ? A ILE 121 
30  1 Y 1 A LYS 122 ? A LYS 122 
31  1 Y 1 A THR 123 ? A THR 123 
32  1 Y 1 A GLN 124 ? A GLN 124 
33  1 Y 1 A CYS 218 ? A CYS 218 
34  1 Y 1 A SER 219 ? A SER 219 
35  1 Y 1 A GLY 220 ? A GLY 220 
36  1 Y 1 A LYS 221 ? A LYS 221 
37  1 Y 1 A SER 222 ? A SER 222 
38  1 Y 1 A LYS 223 ? A LYS 223 
39  1 Y 1 A LYS 224 ? A LYS 224 
40  1 Y 1 A PRO 225 ? A PRO 225 
41  1 Y 1 A VAL 226 ? A VAL 226 
42  1 Y 1 A LEU 227 ? A LEU 227 
43  1 Y 1 A VAL 228 ? A VAL 228 
44  1 Y 1 A PRO 229 ? A PRO 229 
45  1 Y 1 A ARG 230 ? A ARG 230 
46  1 Y 1 A GLY 231 ? A GLY 231 
47  1 Y 1 A SER 232 ? A SER 232 
48  1 Y 1 A HIS 233 ? A HIS 233 
49  1 Y 1 A HIS 234 ? A HIS 234 
50  1 Y 1 A HIS 235 ? A HIS 235 
51  1 Y 1 A HIS 236 ? A HIS 236 
52  1 Y 1 A HIS 237 ? A HIS 237 
53  1 Y 1 A HIS 238 ? A HIS 238 
54  1 Y 1 B MET 1   ? B MET 1   
55  1 Y 1 B ASP 2   ? B ASP 2   
56  1 Y 1 B TRP 3   ? B TRP 3   
57  1 Y 1 B GLY 4   ? B GLY 4   
58  1 Y 1 B THR 5   ? B THR 5   
59  1 Y 1 B LEU 6   ? B LEU 6   
60  1 Y 1 B GLN 7   ? B GLN 7   
61  1 Y 1 B THR 8   ? B THR 8   
62  1 Y 1 B ILE 9   ? B ILE 9   
63  1 Y 1 B LEU 10  ? B LEU 10  
64  1 Y 1 B GLY 11  ? B GLY 11  
65  1 Y 1 B GLY 12  ? B GLY 12  
66  1 Y 1 B VAL 13  ? B VAL 13  
67  1 Y 1 B ASN 14  ? B ASN 14  
68  1 Y 1 B LYS 15  ? B LYS 15  
69  1 Y 1 B HIS 16  ? B HIS 16  
70  1 Y 1 B SER 17  ? B SER 17  
71  1 Y 1 B GLU 110 ? B GLU 110 
72  1 Y 1 B ILE 111 ? B ILE 111 
73  1 Y 1 B LYS 112 ? B LYS 112 
74  1 Y 1 B SER 113 ? B SER 113 
75  1 Y 1 B GLU 114 ? B GLU 114 
76  1 Y 1 B PHE 115 ? B PHE 115 
77  1 Y 1 B LYS 116 ? B LYS 116 
78  1 Y 1 B ASP 117 ? B ASP 117 
79  1 Y 1 B ILE 118 ? B ILE 118 
80  1 Y 1 B GLU 119 ? B GLU 119 
81  1 Y 1 B GLU 120 ? B GLU 120 
82  1 Y 1 B ILE 121 ? B ILE 121 
83  1 Y 1 B LYS 122 ? B LYS 122 
84  1 Y 1 B THR 123 ? B THR 123 
85  1 Y 1 B GLN 124 ? B GLN 124 
86  1 Y 1 B CYS 218 ? B CYS 218 
87  1 Y 1 B SER 219 ? B SER 219 
88  1 Y 1 B GLY 220 ? B GLY 220 
89  1 Y 1 B LYS 221 ? B LYS 221 
90  1 Y 1 B SER 222 ? B SER 222 
91  1 Y 1 B LYS 223 ? B LYS 223 
92  1 Y 1 B LYS 224 ? B LYS 224 
93  1 Y 1 B PRO 225 ? B PRO 225 
94  1 Y 1 B VAL 226 ? B VAL 226 
95  1 Y 1 B LEU 227 ? B LEU 227 
96  1 Y 1 B VAL 228 ? B VAL 228 
97  1 Y 1 B PRO 229 ? B PRO 229 
98  1 Y 1 B ARG 230 ? B ARG 230 
99  1 Y 1 B GLY 231 ? B GLY 231 
100 1 Y 1 B SER 232 ? B SER 232 
101 1 Y 1 B HIS 233 ? B HIS 233 
102 1 Y 1 B HIS 234 ? B HIS 234 
103 1 Y 1 B HIS 235 ? B HIS 235 
104 1 Y 1 B HIS 236 ? B HIS 236 
105 1 Y 1 B HIS 237 ? B HIS 237 
106 1 Y 1 B HIS 238 ? B HIS 238 
107 1 Y 1 C MET 1   ? C MET 1   
108 1 Y 1 C ASP 2   ? C ASP 2   
109 1 Y 1 C TRP 3   ? C TRP 3   
110 1 Y 1 C GLY 4   ? C GLY 4   
111 1 Y 1 C THR 5   ? C THR 5   
112 1 Y 1 C LEU 6   ? C LEU 6   
113 1 Y 1 C GLN 7   ? C GLN 7   
114 1 Y 1 C THR 8   ? C THR 8   
115 1 Y 1 C ILE 9   ? C ILE 9   
116 1 Y 1 C LEU 10  ? C LEU 10  
117 1 Y 1 C GLY 11  ? C GLY 11  
118 1 Y 1 C GLY 12  ? C GLY 12  
119 1 Y 1 C VAL 13  ? C VAL 13  
120 1 Y 1 C ASN 14  ? C ASN 14  
121 1 Y 1 C LYS 15  ? C LYS 15  
122 1 Y 1 C HIS 16  ? C HIS 16  
123 1 Y 1 C SER 17  ? C SER 17  
124 1 Y 1 C GLU 110 ? C GLU 110 
125 1 Y 1 C ILE 111 ? C ILE 111 
126 1 Y 1 C LYS 112 ? C LYS 112 
127 1 Y 1 C SER 113 ? C SER 113 
128 1 Y 1 C GLU 114 ? C GLU 114 
129 1 Y 1 C PHE 115 ? C PHE 115 
130 1 Y 1 C LYS 116 ? C LYS 116 
131 1 Y 1 C ASP 117 ? C ASP 117 
132 1 Y 1 C ILE 118 ? C ILE 118 
133 1 Y 1 C GLU 119 ? C GLU 119 
134 1 Y 1 C GLU 120 ? C GLU 120 
135 1 Y 1 C ILE 121 ? C ILE 121 
136 1 Y 1 C LYS 122 ? C LYS 122 
137 1 Y 1 C THR 123 ? C THR 123 
138 1 Y 1 C GLN 124 ? C GLN 124 
139 1 Y 1 C CYS 218 ? C CYS 218 
140 1 Y 1 C SER 219 ? C SER 219 
141 1 Y 1 C GLY 220 ? C GLY 220 
142 1 Y 1 C LYS 221 ? C LYS 221 
143 1 Y 1 C SER 222 ? C SER 222 
144 1 Y 1 C LYS 223 ? C LYS 223 
145 1 Y 1 C LYS 224 ? C LYS 224 
146 1 Y 1 C PRO 225 ? C PRO 225 
147 1 Y 1 C VAL 226 ? C VAL 226 
148 1 Y 1 C LEU 227 ? C LEU 227 
149 1 Y 1 C VAL 228 ? C VAL 228 
150 1 Y 1 C PRO 229 ? C PRO 229 
151 1 Y 1 C ARG 230 ? C ARG 230 
152 1 Y 1 C GLY 231 ? C GLY 231 
153 1 Y 1 C SER 232 ? C SER 232 
154 1 Y 1 C HIS 233 ? C HIS 233 
155 1 Y 1 C HIS 234 ? C HIS 234 
156 1 Y 1 C HIS 235 ? C HIS 235 
157 1 Y 1 C HIS 236 ? C HIS 236 
158 1 Y 1 C HIS 237 ? C HIS 237 
159 1 Y 1 C HIS 238 ? C HIS 238 
# 
loop_
_chem_comp_atom.comp_id 
_chem_comp_atom.atom_id 
_chem_comp_atom.type_symbol 
_chem_comp_atom.pdbx_aromatic_flag 
_chem_comp_atom.pdbx_stereo_config 
_chem_comp_atom.pdbx_ordinal 
ALA N    N N N 1   
ALA CA   C N S 2   
ALA C    C N N 3   
ALA O    O N N 4   
ALA CB   C N N 5   
ALA OXT  O N N 6   
ALA H    H N N 7   
ALA H2   H N N 8   
ALA HA   H N N 9   
ALA HB1  H N N 10  
ALA HB2  H N N 11  
ALA HB3  H N N 12  
ALA HXT  H N N 13  
ARG N    N N N 14  
ARG CA   C N S 15  
ARG C    C N N 16  
ARG O    O N N 17  
ARG CB   C N N 18  
ARG CG   C N N 19  
ARG CD   C N N 20  
ARG NE   N N N 21  
ARG CZ   C N N 22  
ARG NH1  N N N 23  
ARG NH2  N N N 24  
ARG OXT  O N N 25  
ARG H    H N N 26  
ARG H2   H N N 27  
ARG HA   H N N 28  
ARG HB2  H N N 29  
ARG HB3  H N N 30  
ARG HG2  H N N 31  
ARG HG3  H N N 32  
ARG HD2  H N N 33  
ARG HD3  H N N 34  
ARG HE   H N N 35  
ARG HH11 H N N 36  
ARG HH12 H N N 37  
ARG HH21 H N N 38  
ARG HH22 H N N 39  
ARG HXT  H N N 40  
ASN N    N N N 41  
ASN CA   C N S 42  
ASN C    C N N 43  
ASN O    O N N 44  
ASN CB   C N N 45  
ASN CG   C N N 46  
ASN OD1  O N N 47  
ASN ND2  N N N 48  
ASN OXT  O N N 49  
ASN H    H N N 50  
ASN H2   H N N 51  
ASN HA   H N N 52  
ASN HB2  H N N 53  
ASN HB3  H N N 54  
ASN HD21 H N N 55  
ASN HD22 H N N 56  
ASN HXT  H N N 57  
ASP N    N N N 58  
ASP CA   C N S 59  
ASP C    C N N 60  
ASP O    O N N 61  
ASP CB   C N N 62  
ASP CG   C N N 63  
ASP OD1  O N N 64  
ASP OD2  O N N 65  
ASP OXT  O N N 66  
ASP H    H N N 67  
ASP H2   H N N 68  
ASP HA   H N N 69  
ASP HB2  H N N 70  
ASP HB3  H N N 71  
ASP HD2  H N N 72  
ASP HXT  H N N 73  
CYS N    N N N 74  
CYS CA   C N R 75  
CYS C    C N N 76  
CYS O    O N N 77  
CYS CB   C N N 78  
CYS SG   S N N 79  
CYS OXT  O N N 80  
CYS H    H N N 81  
CYS H2   H N N 82  
CYS HA   H N N 83  
CYS HB2  H N N 84  
CYS HB3  H N N 85  
CYS HG   H N N 86  
CYS HXT  H N N 87  
GLN N    N N N 88  
GLN CA   C N S 89  
GLN C    C N N 90  
GLN O    O N N 91  
GLN CB   C N N 92  
GLN CG   C N N 93  
GLN CD   C N N 94  
GLN OE1  O N N 95  
GLN NE2  N N N 96  
GLN OXT  O N N 97  
GLN H    H N N 98  
GLN H2   H N N 99  
GLN HA   H N N 100 
GLN HB2  H N N 101 
GLN HB3  H N N 102 
GLN HG2  H N N 103 
GLN HG3  H N N 104 
GLN HE21 H N N 105 
GLN HE22 H N N 106 
GLN HXT  H N N 107 
GLU N    N N N 108 
GLU CA   C N S 109 
GLU C    C N N 110 
GLU O    O N N 111 
GLU CB   C N N 112 
GLU CG   C N N 113 
GLU CD   C N N 114 
GLU OE1  O N N 115 
GLU OE2  O N N 116 
GLU OXT  O N N 117 
GLU H    H N N 118 
GLU H2   H N N 119 
GLU HA   H N N 120 
GLU HB2  H N N 121 
GLU HB3  H N N 122 
GLU HG2  H N N 123 
GLU HG3  H N N 124 
GLU HE2  H N N 125 
GLU HXT  H N N 126 
GLY N    N N N 127 
GLY CA   C N N 128 
GLY C    C N N 129 
GLY O    O N N 130 
GLY OXT  O N N 131 
GLY H    H N N 132 
GLY H2   H N N 133 
GLY HA2  H N N 134 
GLY HA3  H N N 135 
GLY HXT  H N N 136 
HIS N    N N N 137 
HIS CA   C N S 138 
HIS C    C N N 139 
HIS O    O N N 140 
HIS CB   C N N 141 
HIS CG   C Y N 142 
HIS ND1  N Y N 143 
HIS CD2  C Y N 144 
HIS CE1  C Y N 145 
HIS NE2  N Y N 146 
HIS OXT  O N N 147 
HIS H    H N N 148 
HIS H2   H N N 149 
HIS HA   H N N 150 
HIS HB2  H N N 151 
HIS HB3  H N N 152 
HIS HD1  H N N 153 
HIS HD2  H N N 154 
HIS HE1  H N N 155 
HIS HE2  H N N 156 
HIS HXT  H N N 157 
ILE N    N N N 158 
ILE CA   C N S 159 
ILE C    C N N 160 
ILE O    O N N 161 
ILE CB   C N S 162 
ILE CG1  C N N 163 
ILE CG2  C N N 164 
ILE CD1  C N N 165 
ILE OXT  O N N 166 
ILE H    H N N 167 
ILE H2   H N N 168 
ILE HA   H N N 169 
ILE HB   H N N 170 
ILE HG12 H N N 171 
ILE HG13 H N N 172 
ILE HG21 H N N 173 
ILE HG22 H N N 174 
ILE HG23 H N N 175 
ILE HD11 H N N 176 
ILE HD12 H N N 177 
ILE HD13 H N N 178 
ILE HXT  H N N 179 
LEU N    N N N 180 
LEU CA   C N S 181 
LEU C    C N N 182 
LEU O    O N N 183 
LEU CB   C N N 184 
LEU CG   C N N 185 
LEU CD1  C N N 186 
LEU CD2  C N N 187 
LEU OXT  O N N 188 
LEU H    H N N 189 
LEU H2   H N N 190 
LEU HA   H N N 191 
LEU HB2  H N N 192 
LEU HB3  H N N 193 
LEU HG   H N N 194 
LEU HD11 H N N 195 
LEU HD12 H N N 196 
LEU HD13 H N N 197 
LEU HD21 H N N 198 
LEU HD22 H N N 199 
LEU HD23 H N N 200 
LEU HXT  H N N 201 
LYS N    N N N 202 
LYS CA   C N S 203 
LYS C    C N N 204 
LYS O    O N N 205 
LYS CB   C N N 206 
LYS CG   C N N 207 
LYS CD   C N N 208 
LYS CE   C N N 209 
LYS NZ   N N N 210 
LYS OXT  O N N 211 
LYS H    H N N 212 
LYS H2   H N N 213 
LYS HA   H N N 214 
LYS HB2  H N N 215 
LYS HB3  H N N 216 
LYS HG2  H N N 217 
LYS HG3  H N N 218 
LYS HD2  H N N 219 
LYS HD3  H N N 220 
LYS HE2  H N N 221 
LYS HE3  H N N 222 
LYS HZ1  H N N 223 
LYS HZ2  H N N 224 
LYS HZ3  H N N 225 
LYS HXT  H N N 226 
MET N    N N N 227 
MET CA   C N S 228 
MET C    C N N 229 
MET O    O N N 230 
MET CB   C N N 231 
MET CG   C N N 232 
MET SD   S N N 233 
MET CE   C N N 234 
MET OXT  O N N 235 
MET H    H N N 236 
MET H2   H N N 237 
MET HA   H N N 238 
MET HB2  H N N 239 
MET HB3  H N N 240 
MET HG2  H N N 241 
MET HG3  H N N 242 
MET HE1  H N N 243 
MET HE2  H N N 244 
MET HE3  H N N 245 
MET HXT  H N N 246 
PHE N    N N N 247 
PHE CA   C N S 248 
PHE C    C N N 249 
PHE O    O N N 250 
PHE CB   C N N 251 
PHE CG   C Y N 252 
PHE CD1  C Y N 253 
PHE CD2  C Y N 254 
PHE CE1  C Y N 255 
PHE CE2  C Y N 256 
PHE CZ   C Y N 257 
PHE OXT  O N N 258 
PHE H    H N N 259 
PHE H2   H N N 260 
PHE HA   H N N 261 
PHE HB2  H N N 262 
PHE HB3  H N N 263 
PHE HD1  H N N 264 
PHE HD2  H N N 265 
PHE HE1  H N N 266 
PHE HE2  H N N 267 
PHE HZ   H N N 268 
PHE HXT  H N N 269 
PRO N    N N N 270 
PRO CA   C N S 271 
PRO C    C N N 272 
PRO O    O N N 273 
PRO CB   C N N 274 
PRO CG   C N N 275 
PRO CD   C N N 276 
PRO OXT  O N N 277 
PRO H    H N N 278 
PRO HA   H N N 279 
PRO HB2  H N N 280 
PRO HB3  H N N 281 
PRO HG2  H N N 282 
PRO HG3  H N N 283 
PRO HD2  H N N 284 
PRO HD3  H N N 285 
PRO HXT  H N N 286 
SER N    N N N 287 
SER CA   C N S 288 
SER C    C N N 289 
SER O    O N N 290 
SER CB   C N N 291 
SER OG   O N N 292 
SER OXT  O N N 293 
SER H    H N N 294 
SER H2   H N N 295 
SER HA   H N N 296 
SER HB2  H N N 297 
SER HB3  H N N 298 
SER HG   H N N 299 
SER HXT  H N N 300 
THR N    N N N 301 
THR CA   C N S 302 
THR C    C N N 303 
THR O    O N N 304 
THR CB   C N R 305 
THR OG1  O N N 306 
THR CG2  C N N 307 
THR OXT  O N N 308 
THR H    H N N 309 
THR H2   H N N 310 
THR HA   H N N 311 
THR HB   H N N 312 
THR HG1  H N N 313 
THR HG21 H N N 314 
THR HG22 H N N 315 
THR HG23 H N N 316 
THR HXT  H N N 317 
TRP N    N N N 318 
TRP CA   C N S 319 
TRP C    C N N 320 
TRP O    O N N 321 
TRP CB   C N N 322 
TRP CG   C Y N 323 
TRP CD1  C Y N 324 
TRP CD2  C Y N 325 
TRP NE1  N Y N 326 
TRP CE2  C Y N 327 
TRP CE3  C Y N 328 
TRP CZ2  C Y N 329 
TRP CZ3  C Y N 330 
TRP CH2  C Y N 331 
TRP OXT  O N N 332 
TRP H    H N N 333 
TRP H2   H N N 334 
TRP HA   H N N 335 
TRP HB2  H N N 336 
TRP HB3  H N N 337 
TRP HD1  H N N 338 
TRP HE1  H N N 339 
TRP HE3  H N N 340 
TRP HZ2  H N N 341 
TRP HZ3  H N N 342 
TRP HH2  H N N 343 
TRP HXT  H N N 344 
TYR N    N N N 345 
TYR CA   C N S 346 
TYR C    C N N 347 
TYR O    O N N 348 
TYR CB   C N N 349 
TYR CG   C Y N 350 
TYR CD1  C Y N 351 
TYR CD2  C Y N 352 
TYR CE1  C Y N 353 
TYR CE2  C Y N 354 
TYR CZ   C Y N 355 
TYR OH   O N N 356 
TYR OXT  O N N 357 
TYR H    H N N 358 
TYR H2   H N N 359 
TYR HA   H N N 360 
TYR HB2  H N N 361 
TYR HB3  H N N 362 
TYR HD1  H N N 363 
TYR HD2  H N N 364 
TYR HE1  H N N 365 
TYR HE2  H N N 366 
TYR HH   H N N 367 
TYR HXT  H N N 368 
VAL N    N N N 369 
VAL CA   C N S 370 
VAL C    C N N 371 
VAL O    O N N 372 
VAL CB   C N N 373 
VAL CG1  C N N 374 
VAL CG2  C N N 375 
VAL OXT  O N N 376 
VAL H    H N N 377 
VAL H2   H N N 378 
VAL HA   H N N 379 
VAL HB   H N N 380 
VAL HG11 H N N 381 
VAL HG12 H N N 382 
VAL HG13 H N N 383 
VAL HG21 H N N 384 
VAL HG22 H N N 385 
VAL HG23 H N N 386 
VAL HXT  H N N 387 
# 
loop_
_chem_comp_bond.comp_id 
_chem_comp_bond.atom_id_1 
_chem_comp_bond.atom_id_2 
_chem_comp_bond.value_order 
_chem_comp_bond.pdbx_aromatic_flag 
_chem_comp_bond.pdbx_stereo_config 
_chem_comp_bond.pdbx_ordinal 
ALA N   CA   sing N N 1   
ALA N   H    sing N N 2   
ALA N   H2   sing N N 3   
ALA CA  C    sing N N 4   
ALA CA  CB   sing N N 5   
ALA CA  HA   sing N N 6   
ALA C   O    doub N N 7   
ALA C   OXT  sing N N 8   
ALA CB  HB1  sing N N 9   
ALA CB  HB2  sing N N 10  
ALA CB  HB3  sing N N 11  
ALA OXT HXT  sing N N 12  
ARG N   CA   sing N N 13  
ARG N   H    sing N N 14  
ARG N   H2   sing N N 15  
ARG CA  C    sing N N 16  
ARG CA  CB   sing N N 17  
ARG CA  HA   sing N N 18  
ARG C   O    doub N N 19  
ARG C   OXT  sing N N 20  
ARG CB  CG   sing N N 21  
ARG CB  HB2  sing N N 22  
ARG CB  HB3  sing N N 23  
ARG CG  CD   sing N N 24  
ARG CG  HG2  sing N N 25  
ARG CG  HG3  sing N N 26  
ARG CD  NE   sing N N 27  
ARG CD  HD2  sing N N 28  
ARG CD  HD3  sing N N 29  
ARG NE  CZ   sing N N 30  
ARG NE  HE   sing N N 31  
ARG CZ  NH1  sing N N 32  
ARG CZ  NH2  doub N N 33  
ARG NH1 HH11 sing N N 34  
ARG NH1 HH12 sing N N 35  
ARG NH2 HH21 sing N N 36  
ARG NH2 HH22 sing N N 37  
ARG OXT HXT  sing N N 38  
ASN N   CA   sing N N 39  
ASN N   H    sing N N 40  
ASN N   H2   sing N N 41  
ASN CA  C    sing N N 42  
ASN CA  CB   sing N N 43  
ASN CA  HA   sing N N 44  
ASN C   O    doub N N 45  
ASN C   OXT  sing N N 46  
ASN CB  CG   sing N N 47  
ASN CB  HB2  sing N N 48  
ASN CB  HB3  sing N N 49  
ASN CG  OD1  doub N N 50  
ASN CG  ND2  sing N N 51  
ASN ND2 HD21 sing N N 52  
ASN ND2 HD22 sing N N 53  
ASN OXT HXT  sing N N 54  
ASP N   CA   sing N N 55  
ASP N   H    sing N N 56  
ASP N   H2   sing N N 57  
ASP CA  C    sing N N 58  
ASP CA  CB   sing N N 59  
ASP CA  HA   sing N N 60  
ASP C   O    doub N N 61  
ASP C   OXT  sing N N 62  
ASP CB  CG   sing N N 63  
ASP CB  HB2  sing N N 64  
ASP CB  HB3  sing N N 65  
ASP CG  OD1  doub N N 66  
ASP CG  OD2  sing N N 67  
ASP OD2 HD2  sing N N 68  
ASP OXT HXT  sing N N 69  
CYS N   CA   sing N N 70  
CYS N   H    sing N N 71  
CYS N   H2   sing N N 72  
CYS CA  C    sing N N 73  
CYS CA  CB   sing N N 74  
CYS CA  HA   sing N N 75  
CYS C   O    doub N N 76  
CYS C   OXT  sing N N 77  
CYS CB  SG   sing N N 78  
CYS CB  HB2  sing N N 79  
CYS CB  HB3  sing N N 80  
CYS SG  HG   sing N N 81  
CYS OXT HXT  sing N N 82  
GLN N   CA   sing N N 83  
GLN N   H    sing N N 84  
GLN N   H2   sing N N 85  
GLN CA  C    sing N N 86  
GLN CA  CB   sing N N 87  
GLN CA  HA   sing N N 88  
GLN C   O    doub N N 89  
GLN C   OXT  sing N N 90  
GLN CB  CG   sing N N 91  
GLN CB  HB2  sing N N 92  
GLN CB  HB3  sing N N 93  
GLN CG  CD   sing N N 94  
GLN CG  HG2  sing N N 95  
GLN CG  HG3  sing N N 96  
GLN CD  OE1  doub N N 97  
GLN CD  NE2  sing N N 98  
GLN NE2 HE21 sing N N 99  
GLN NE2 HE22 sing N N 100 
GLN OXT HXT  sing N N 101 
GLU N   CA   sing N N 102 
GLU N   H    sing N N 103 
GLU N   H2   sing N N 104 
GLU CA  C    sing N N 105 
GLU CA  CB   sing N N 106 
GLU CA  HA   sing N N 107 
GLU C   O    doub N N 108 
GLU C   OXT  sing N N 109 
GLU CB  CG   sing N N 110 
GLU CB  HB2  sing N N 111 
GLU CB  HB3  sing N N 112 
GLU CG  CD   sing N N 113 
GLU CG  HG2  sing N N 114 
GLU CG  HG3  sing N N 115 
GLU CD  OE1  doub N N 116 
GLU CD  OE2  sing N N 117 
GLU OE2 HE2  sing N N 118 
GLU OXT HXT  sing N N 119 
GLY N   CA   sing N N 120 
GLY N   H    sing N N 121 
GLY N   H2   sing N N 122 
GLY CA  C    sing N N 123 
GLY CA  HA2  sing N N 124 
GLY CA  HA3  sing N N 125 
GLY C   O    doub N N 126 
GLY C   OXT  sing N N 127 
GLY OXT HXT  sing N N 128 
HIS N   CA   sing N N 129 
HIS N   H    sing N N 130 
HIS N   H2   sing N N 131 
HIS CA  C    sing N N 132 
HIS CA  CB   sing N N 133 
HIS CA  HA   sing N N 134 
HIS C   O    doub N N 135 
HIS C   OXT  sing N N 136 
HIS CB  CG   sing N N 137 
HIS CB  HB2  sing N N 138 
HIS CB  HB3  sing N N 139 
HIS CG  ND1  sing Y N 140 
HIS CG  CD2  doub Y N 141 
HIS ND1 CE1  doub Y N 142 
HIS ND1 HD1  sing N N 143 
HIS CD2 NE2  sing Y N 144 
HIS CD2 HD2  sing N N 145 
HIS CE1 NE2  sing Y N 146 
HIS CE1 HE1  sing N N 147 
HIS NE2 HE2  sing N N 148 
HIS OXT HXT  sing N N 149 
ILE N   CA   sing N N 150 
ILE N   H    sing N N 151 
ILE N   H2   sing N N 152 
ILE CA  C    sing N N 153 
ILE CA  CB   sing N N 154 
ILE CA  HA   sing N N 155 
ILE C   O    doub N N 156 
ILE C   OXT  sing N N 157 
ILE CB  CG1  sing N N 158 
ILE CB  CG2  sing N N 159 
ILE CB  HB   sing N N 160 
ILE CG1 CD1  sing N N 161 
ILE CG1 HG12 sing N N 162 
ILE CG1 HG13 sing N N 163 
ILE CG2 HG21 sing N N 164 
ILE CG2 HG22 sing N N 165 
ILE CG2 HG23 sing N N 166 
ILE CD1 HD11 sing N N 167 
ILE CD1 HD12 sing N N 168 
ILE CD1 HD13 sing N N 169 
ILE OXT HXT  sing N N 170 
LEU N   CA   sing N N 171 
LEU N   H    sing N N 172 
LEU N   H2   sing N N 173 
LEU CA  C    sing N N 174 
LEU CA  CB   sing N N 175 
LEU CA  HA   sing N N 176 
LEU C   O    doub N N 177 
LEU C   OXT  sing N N 178 
LEU CB  CG   sing N N 179 
LEU CB  HB2  sing N N 180 
LEU CB  HB3  sing N N 181 
LEU CG  CD1  sing N N 182 
LEU CG  CD2  sing N N 183 
LEU CG  HG   sing N N 184 
LEU CD1 HD11 sing N N 185 
LEU CD1 HD12 sing N N 186 
LEU CD1 HD13 sing N N 187 
LEU CD2 HD21 sing N N 188 
LEU CD2 HD22 sing N N 189 
LEU CD2 HD23 sing N N 190 
LEU OXT HXT  sing N N 191 
LYS N   CA   sing N N 192 
LYS N   H    sing N N 193 
LYS N   H2   sing N N 194 
LYS CA  C    sing N N 195 
LYS CA  CB   sing N N 196 
LYS CA  HA   sing N N 197 
LYS C   O    doub N N 198 
LYS C   OXT  sing N N 199 
LYS CB  CG   sing N N 200 
LYS CB  HB2  sing N N 201 
LYS CB  HB3  sing N N 202 
LYS CG  CD   sing N N 203 
LYS CG  HG2  sing N N 204 
LYS CG  HG3  sing N N 205 
LYS CD  CE   sing N N 206 
LYS CD  HD2  sing N N 207 
LYS CD  HD3  sing N N 208 
LYS CE  NZ   sing N N 209 
LYS CE  HE2  sing N N 210 
LYS CE  HE3  sing N N 211 
LYS NZ  HZ1  sing N N 212 
LYS NZ  HZ2  sing N N 213 
LYS NZ  HZ3  sing N N 214 
LYS OXT HXT  sing N N 215 
MET N   CA   sing N N 216 
MET N   H    sing N N 217 
MET N   H2   sing N N 218 
MET CA  C    sing N N 219 
MET CA  CB   sing N N 220 
MET CA  HA   sing N N 221 
MET C   O    doub N N 222 
MET C   OXT  sing N N 223 
MET CB  CG   sing N N 224 
MET CB  HB2  sing N N 225 
MET CB  HB3  sing N N 226 
MET CG  SD   sing N N 227 
MET CG  HG2  sing N N 228 
MET CG  HG3  sing N N 229 
MET SD  CE   sing N N 230 
MET CE  HE1  sing N N 231 
MET CE  HE2  sing N N 232 
MET CE  HE3  sing N N 233 
MET OXT HXT  sing N N 234 
PHE N   CA   sing N N 235 
PHE N   H    sing N N 236 
PHE N   H2   sing N N 237 
PHE CA  C    sing N N 238 
PHE CA  CB   sing N N 239 
PHE CA  HA   sing N N 240 
PHE C   O    doub N N 241 
PHE C   OXT  sing N N 242 
PHE CB  CG   sing N N 243 
PHE CB  HB2  sing N N 244 
PHE CB  HB3  sing N N 245 
PHE CG  CD1  doub Y N 246 
PHE CG  CD2  sing Y N 247 
PHE CD1 CE1  sing Y N 248 
PHE CD1 HD1  sing N N 249 
PHE CD2 CE2  doub Y N 250 
PHE CD2 HD2  sing N N 251 
PHE CE1 CZ   doub Y N 252 
PHE CE1 HE1  sing N N 253 
PHE CE2 CZ   sing Y N 254 
PHE CE2 HE2  sing N N 255 
PHE CZ  HZ   sing N N 256 
PHE OXT HXT  sing N N 257 
PRO N   CA   sing N N 258 
PRO N   CD   sing N N 259 
PRO N   H    sing N N 260 
PRO CA  C    sing N N 261 
PRO CA  CB   sing N N 262 
PRO CA  HA   sing N N 263 
PRO C   O    doub N N 264 
PRO C   OXT  sing N N 265 
PRO CB  CG   sing N N 266 
PRO CB  HB2  sing N N 267 
PRO CB  HB3  sing N N 268 
PRO CG  CD   sing N N 269 
PRO CG  HG2  sing N N 270 
PRO CG  HG3  sing N N 271 
PRO CD  HD2  sing N N 272 
PRO CD  HD3  sing N N 273 
PRO OXT HXT  sing N N 274 
SER N   CA   sing N N 275 
SER N   H    sing N N 276 
SER N   H2   sing N N 277 
SER CA  C    sing N N 278 
SER CA  CB   sing N N 279 
SER CA  HA   sing N N 280 
SER C   O    doub N N 281 
SER C   OXT  sing N N 282 
SER CB  OG   sing N N 283 
SER CB  HB2  sing N N 284 
SER CB  HB3  sing N N 285 
SER OG  HG   sing N N 286 
SER OXT HXT  sing N N 287 
THR N   CA   sing N N 288 
THR N   H    sing N N 289 
THR N   H2   sing N N 290 
THR CA  C    sing N N 291 
THR CA  CB   sing N N 292 
THR CA  HA   sing N N 293 
THR C   O    doub N N 294 
THR C   OXT  sing N N 295 
THR CB  OG1  sing N N 296 
THR CB  CG2  sing N N 297 
THR CB  HB   sing N N 298 
THR OG1 HG1  sing N N 299 
THR CG2 HG21 sing N N 300 
THR CG2 HG22 sing N N 301 
THR CG2 HG23 sing N N 302 
THR OXT HXT  sing N N 303 
TRP N   CA   sing N N 304 
TRP N   H    sing N N 305 
TRP N   H2   sing N N 306 
TRP CA  C    sing N N 307 
TRP CA  CB   sing N N 308 
TRP CA  HA   sing N N 309 
TRP C   O    doub N N 310 
TRP C   OXT  sing N N 311 
TRP CB  CG   sing N N 312 
TRP CB  HB2  sing N N 313 
TRP CB  HB3  sing N N 314 
TRP CG  CD1  doub Y N 315 
TRP CG  CD2  sing Y N 316 
TRP CD1 NE1  sing Y N 317 
TRP CD1 HD1  sing N N 318 
TRP CD2 CE2  doub Y N 319 
TRP CD2 CE3  sing Y N 320 
TRP NE1 CE2  sing Y N 321 
TRP NE1 HE1  sing N N 322 
TRP CE2 CZ2  sing Y N 323 
TRP CE3 CZ3  doub Y N 324 
TRP CE3 HE3  sing N N 325 
TRP CZ2 CH2  doub Y N 326 
TRP CZ2 HZ2  sing N N 327 
TRP CZ3 CH2  sing Y N 328 
TRP CZ3 HZ3  sing N N 329 
TRP CH2 HH2  sing N N 330 
TRP OXT HXT  sing N N 331 
TYR N   CA   sing N N 332 
TYR N   H    sing N N 333 
TYR N   H2   sing N N 334 
TYR CA  C    sing N N 335 
TYR CA  CB   sing N N 336 
TYR CA  HA   sing N N 337 
TYR C   O    doub N N 338 
TYR C   OXT  sing N N 339 
TYR CB  CG   sing N N 340 
TYR CB  HB2  sing N N 341 
TYR CB  HB3  sing N N 342 
TYR CG  CD1  doub Y N 343 
TYR CG  CD2  sing Y N 344 
TYR CD1 CE1  sing Y N 345 
TYR CD1 HD1  sing N N 346 
TYR CD2 CE2  doub Y N 347 
TYR CD2 HD2  sing N N 348 
TYR CE1 CZ   doub Y N 349 
TYR CE1 HE1  sing N N 350 
TYR CE2 CZ   sing Y N 351 
TYR CE2 HE2  sing N N 352 
TYR CZ  OH   sing N N 353 
TYR OH  HH   sing N N 354 
TYR OXT HXT  sing N N 355 
VAL N   CA   sing N N 356 
VAL N   H    sing N N 357 
VAL N   H2   sing N N 358 
VAL CA  C    sing N N 359 
VAL CA  CB   sing N N 360 
VAL CA  HA   sing N N 361 
VAL C   O    doub N N 362 
VAL C   OXT  sing N N 363 
VAL CB  CG1  sing N N 364 
VAL CB  CG2  sing N N 365 
VAL CB  HB   sing N N 366 
VAL CG1 HG11 sing N N 367 
VAL CG1 HG12 sing N N 368 
VAL CG1 HG13 sing N N 369 
VAL CG2 HG21 sing N N 370 
VAL CG2 HG22 sing N N 371 
VAL CG2 HG23 sing N N 372 
VAL OXT HXT  sing N N 373 
# 
_em_ctf_correction.id        1 
_em_ctf_correction.details   'Each image' 
_em_ctf_correction.type      . 
# 
_em_image_processing.id                   1 
_em_image_processing.image_recording_id   1 
_em_image_processing.details              ? 
# 
_em_image_recording.avg_electron_dose_per_image   25 
_em_image_recording.details                       ? 
_em_image_recording.id                            1 
_em_image_recording.film_or_detector_model        'KODAK SO-163 FILM' 
_em_image_recording.imaging_id                    1 
_em_image_recording.detector_mode                 ? 
_em_image_recording.average_exposure_time         ? 
_em_image_recording.num_diffraction_images        ? 
_em_image_recording.num_grids_imaged              ? 
_em_image_recording.num_real_images               ? 
# 
loop_
_em_software.id 
_em_software.name 
_em_software.version 
_em_software.category 
_em_software.details 
_em_software.image_processing_id 
1 Situs ? 'MODEL FITTING' ? ? 
2 MRC   ? RECONSTRUCTION  ? 1 
# 
_em_specimen.experiment_id           1 
_em_specimen.id                      1 
_em_specimen.concentration           2 
_em_specimen.vitrification_applied   YES 
_em_specimen.staining_applied        NO 
_em_specimen.embedding_applied       NO 
_em_specimen.shadowing_applied       NO 
_em_specimen.details                 ? 
# 
loop_
_pdbx_coordinate_model.asym_id 
_pdbx_coordinate_model.type 
A 'CA ATOMS ONLY' 
B 'CA ATOMS ONLY' 
C 'CA ATOMS ONLY' 
# 
_pdbx_initial_refinement_model.id               1 
_pdbx_initial_refinement_model.type             'experimental model' 
_pdbx_initial_refinement_model.source_name      PDB 
_pdbx_initial_refinement_model.accession_code   2ZW3 
# 
_atom_sites.entry_id                    3IZ1 
_atom_sites.fract_transf_matrix[1][1]   -0.00602626 
_atom_sites.fract_transf_matrix[1][2]   0.00443533 
_atom_sites.fract_transf_matrix[1][3]   -0.00481893 
_atom_sites.fract_transf_matrix[2][1]   -0.00239724 
_atom_sites.fract_transf_matrix[2][2]   -0.00765894 
_atom_sites.fract_transf_matrix[2][3]   -0.00405142 
_atom_sites.fract_transf_matrix[3][1]   -0.00228395 
_atom_sites.fract_transf_matrix[3][2]   -0.00053534 
_atom_sites.fract_transf_matrix[3][3]   0.00236345 
_atom_sites.fract_transf_vector[1]      0.055167 
_atom_sites.fract_transf_vector[2]      -0.143329 
_atom_sites.fract_transf_vector[3]      0.017121 
# 
_atom_type.symbol   C 
# 
loop_
_atom_site.group_PDB 
_atom_site.id 
_atom_site.type_symbol 
_atom_site.label_atom_id 
_atom_site.label_alt_id 
_atom_site.label_comp_id 
_atom_site.label_asym_id 
_atom_site.label_entity_id 
_atom_site.label_seq_id 
_atom_site.pdbx_PDB_ins_code 
_atom_site.Cartn_x 
_atom_site.Cartn_y 
_atom_site.Cartn_z 
_atom_site.occupancy 
_atom_site.B_iso_or_equiv 
_atom_site.pdbx_formal_charge 
_atom_site.auth_seq_id 
_atom_site.auth_comp_id 
_atom_site.auth_asym_id 
_atom_site.auth_atom_id 
_atom_site.pdbx_PDB_model_num 
ATOM 1   C CA . THR A 1 18  ? -1.313  14.872  -31.097 1.00 207.55 ? 18  THR A CA 1 
ATOM 2   C CA . SER A 1 19  ? -3.884  15.870  -28.420 1.00 208.46 ? 19  SER A CA 1 
ATOM 3   C CA . ILE A 1 20  ? -2.213  15.386  -24.956 1.00 204.30 ? 20  ILE A CA 1 
ATOM 4   C CA . GLY A 1 21  ? -5.270  13.215  -24.140 1.00 179.95 ? 21  GLY A CA 1 
ATOM 5   C CA . LYS A 1 22  ? -3.764  10.137  -25.772 1.00 162.22 ? 22  LYS A CA 1 
ATOM 6   C CA . ILE A 1 23  ? -1.618  9.155   -22.779 1.00 156.03 ? 23  ILE A CA 1 
ATOM 7   C CA . TRP A 1 24  ? -3.735  10.945  -20.135 1.00 147.47 ? 24  TRP A CA 1 
ATOM 8   C CA . LEU A 1 25  ? -6.624  8.577   -20.900 1.00 130.75 ? 25  LEU A CA 1 
ATOM 9   C CA . THR A 1 26  ? -4.387  5.512   -20.624 1.00 128.44 ? 26  THR A CA 1 
ATOM 10  C CA . VAL A 1 27  ? -2.608  6.731   -17.476 1.00 136.55 ? 27  VAL A CA 1 
ATOM 11  C CA . LEU A 1 28  ? -6.085  6.782   -15.924 1.00 126.47 ? 28  LEU A CA 1 
ATOM 12  C CA . PHE A 1 29  ? -6.953  3.402   -17.440 1.00 123.99 ? 29  PHE A CA 1 
ATOM 13  C CA . ILE A 1 30  ? -4.013  2.141   -15.389 1.00 117.25 ? 30  ILE A CA 1 
ATOM 14  C CA . PHE A 1 31  ? -4.854  4.299   -12.327 1.00 106.26 ? 31  PHE A CA 1 
ATOM 15  C CA . ARG A 1 32  ? -8.467  3.052   -12.545 1.00 101.40 ? 32  ARG A CA 1 
ATOM 16  C CA . ILE A 1 33  ? -7.339  -0.628  -12.561 1.00 97.31  ? 33  ILE A CA 1 
ATOM 17  C CA . MET A 1 34  ? -5.084  0.271   -9.671  1.00 100.38 ? 34  MET A CA 1 
ATOM 18  C CA . ILE A 1 35  ? -7.877  1.666   -7.531  1.00 110.73 ? 35  ILE A CA 1 
ATOM 19  C CA . LEU A 1 36  ? -10.036 -1.412  -8.400  1.00 104.68 ? 36  LEU A CA 1 
ATOM 20  C CA . VAL A 1 37  ? -7.241  -3.934  -7.724  1.00 111.67 ? 37  VAL A CA 1 
ATOM 21  C CA . VAL A 1 38  ? -7.256  -2.333  -4.275  1.00 104.47 ? 38  VAL A CA 1 
ATOM 22  C CA . ALA A 1 39  ? -11.032 -2.183  -3.597  1.00 109.48 ? 39  ALA A CA 1 
ATOM 23  C CA . ALA A 1 40  ? -11.937 -5.717  -4.787  1.00 124.02 ? 40  ALA A CA 1 
ATOM 24  C CA . LYS A 1 41  ? -9.913  -8.207  -2.741  1.00 145.77 ? 41  LYS A CA 1 
ATOM 25  C CA . GLU A 1 42  ? -10.068 -5.846  0.211   1.00 138.00 ? 42  GLU A CA 1 
ATOM 26  C CA . VAL A 1 43  ? -13.469 -4.201  0.796   1.00 107.94 ? 43  VAL A CA 1 
ATOM 27  C CA . TRP A 1 44  ? -15.833 -6.598  -0.928  1.00 107.08 ? 44  TRP A CA 1 
ATOM 28  C CA . GLY A 1 45  ? -14.911 -9.944  0.730   1.00 104.40 ? 45  GLY A CA 1 
ATOM 29  C CA . ASP A 1 46  ? -17.133 -8.705  3.594   1.00 104.68 ? 46  ASP A CA 1 
ATOM 30  C CA . GLU A 1 47  ? -20.054 -7.912  1.275   1.00 109.61 ? 47  GLU A CA 1 
ATOM 31  C CA . GLN A 1 48  ? -21.754 -11.245 1.817   1.00 105.55 ? 48  GLN A CA 1 
ATOM 32  C CA . ALA A 1 49  ? -20.029 -12.392 5.009   1.00 102.42 ? 49  ALA A CA 1 
ATOM 33  C CA . ASP A 1 50  ? -20.715 -9.518  7.377   1.00 105.47 ? 50  ASP A CA 1 
ATOM 34  C CA . PHE A 1 51  ? -24.094 -8.704  5.718   1.00 93.99  ? 51  PHE A CA 1 
ATOM 35  C CA . VAL A 1 52  ? -26.402 -9.105  8.717   1.00 89.73  ? 52  VAL A CA 1 
ATOM 36  C CA . CYS A 1 53  ? -30.140 -9.540  8.581   1.00 88.26  ? 53  CYS A CA 1 
ATOM 37  C CA . ASN A 1 54  ? -31.895 -9.308  11.962  1.00 82.07  ? 54  ASN A CA 1 
ATOM 38  C CA . THR A 1 55  ? -34.201 -12.317 11.460  1.00 78.04  ? 55  THR A CA 1 
ATOM 39  C CA . LEU A 1 56  ? -33.977 -16.032 12.405  1.00 82.47  ? 56  LEU A CA 1 
ATOM 40  C CA . GLN A 1 57  ? -35.796 -16.940 9.283   1.00 84.17  ? 57  GLN A CA 1 
ATOM 41  C CA . PRO A 1 58  ? -33.577 -19.276 7.254   1.00 82.31  ? 58  PRO A CA 1 
ATOM 42  C CA . GLY A 1 59  ? -34.154 -18.264 3.645   1.00 81.37  ? 59  GLY A CA 1 
ATOM 43  C CA . CYS A 1 60  ? -33.935 -14.549 4.369   1.00 81.28  ? 60  CYS A CA 1 
ATOM 44  C CA . LYS A 1 61  ? -30.271 -13.377 4.541   1.00 83.51  ? 61  LYS A CA 1 
ATOM 45  C CA . ASN A 1 62  ? -29.185 -15.012 1.285   1.00 88.76  ? 62  ASN A CA 1 
ATOM 46  C CA . VAL A 1 63  ? -32.271 -13.708 -0.463  1.00 91.68  ? 63  VAL A CA 1 
ATOM 47  C CA . CYS A 1 64  ? -31.714 -10.306 1.060   1.00 88.07  ? 64  CYS A CA 1 
ATOM 48  C CA . TYR A 1 65  ? -28.184 -10.054 -0.270  1.00 84.76  ? 65  TYR A CA 1 
ATOM 49  C CA . ASP A 1 66  ? -29.189 -11.214 -3.740  1.00 98.29  ? 66  ASP A CA 1 
ATOM 50  C CA . HIS A 1 67  ? -32.383 -9.153  -4.228  1.00 119.76 ? 67  HIS A CA 1 
ATOM 51  C CA . TYR A 1 68  ? -30.152 -6.277  -3.149  1.00 102.79 ? 68  TYR A CA 1 
ATOM 52  C CA . PHE A 1 69  ? -26.728 -6.953  -4.589  1.00 90.90  ? 69  PHE A CA 1 
ATOM 53  C CA . PRO A 1 70  ? -27.416 -8.647  -7.973  1.00 94.43  ? 70  PRO A CA 1 
ATOM 54  C CA . ILE A 1 71  ? -24.091 -7.937  -9.673  1.00 115.96 ? 71  ILE A CA 1 
ATOM 55  C CA . SER A 1 72  ? -21.963 -6.621  -6.837  1.00 103.43 ? 72  SER A CA 1 
ATOM 56  C CA . HIS A 1 73  ? -20.093 -3.391  -7.427  1.00 94.02  ? 73  HIS A CA 1 
ATOM 57  C CA . ILE A 1 74  ? -16.596 -4.766  -7.760  1.00 90.26  ? 74  ILE A CA 1 
ATOM 58  C CA . ARG A 1 75  ? -17.749 -7.161  -10.486 1.00 96.37  ? 75  ARG A CA 1 
ATOM 59  C CA . LEU A 1 76  ? -19.438 -4.281  -12.250 1.00 96.12  ? 76  LEU A CA 1 
ATOM 60  C CA . TRP A 1 77  ? -16.351 -2.094  -11.931 1.00 101.93 ? 77  TRP A CA 1 
ATOM 61  C CA . ALA A 1 78  ? -14.552 -5.199  -13.211 1.00 101.30 ? 78  ALA A CA 1 
ATOM 62  C CA . LEU A 1 79  ? -16.801 -5.660  -16.248 1.00 95.31  ? 79  LEU A CA 1 
ATOM 63  C CA . GLN A 1 80  ? -16.439 -1.951  -17.002 1.00 91.70  ? 80  GLN A CA 1 
ATOM 64  C CA . LEU A 1 81  ? -12.674 -2.133  -17.098 1.00 93.51  ? 81  LEU A CA 1 
ATOM 65  C CA . ILE A 1 82  ? -13.073 -5.278  -19.231 1.00 104.84 ? 82  ILE A CA 1 
ATOM 66  C CA . PHE A 1 83  ? -15.478 -3.914  -21.887 1.00 105.87 ? 83  PHE A CA 1 
ATOM 67  C CA . VAL A 1 84  ? -13.857 -0.475  -22.076 1.00 107.42 ? 84  VAL A CA 1 
ATOM 68  C CA . SER A 1 85  ? -10.581 -2.437  -22.238 1.00 118.57 ? 85  SER A CA 1 
ATOM 69  C CA . THR A 1 86  ? -11.823 -4.354  -25.313 1.00 126.21 ? 86  THR A CA 1 
ATOM 70  C CA . PRO A 1 87  ? -11.915 -1.564  -27.960 1.00 139.10 ? 87  PRO A CA 1 
ATOM 71  C CA . ALA A 1 88  ? -8.439  -0.476  -26.811 1.00 146.34 ? 88  ALA A CA 1 
ATOM 72  C CA . LEU A 1 89  ? -6.960  -3.962  -27.368 1.00 150.83 ? 89  LEU A CA 1 
ATOM 73  C CA . LEU A 1 90  ? -9.124  -4.906  -30.362 1.00 144.47 ? 90  LEU A CA 1 
ATOM 74  C CA . VAL A 1 91  ? -7.752  -1.903  -32.271 1.00 139.36 ? 91  VAL A CA 1 
ATOM 75  C CA . ALA A 1 92  ? -4.166  -2.457  -31.080 1.00 144.46 ? 92  ALA A CA 1 
ATOM 76  C CA . MET A 1 93  ? -4.783  -6.032  -32.270 1.00 157.55 ? 93  MET A CA 1 
ATOM 77  C CA . HIS A 1 94  ? -6.255  -4.836  -35.573 1.00 160.31 ? 94  HIS A CA 1 
ATOM 78  C CA . VAL A 1 95  ? -3.065  -2.782  -36.089 1.00 155.88 ? 95  VAL A CA 1 
ATOM 79  C CA . ALA A 1 96  ? -0.199  -5.129  -35.133 1.00 160.63 ? 96  ALA A CA 1 
ATOM 80  C CA . TYR A 1 97  ? -1.880  -7.717  -37.382 1.00 179.36 ? 97  TYR A CA 1 
ATOM 81  C CA . ARG A 1 98  ? -2.845  -5.681  -40.473 1.00 180.15 ? 98  ARG A CA 1 
ATOM 82  C CA . ARG A 1 99  ? 0.418   -3.673  -40.339 1.00 184.15 ? 99  ARG A CA 1 
ATOM 83  C CA . HIS A 1 100 ? 2.608   -6.784  -39.943 1.00 189.72 ? 100 HIS A CA 1 
ATOM 84  C CA . GLU A 1 101 ? 0.550   -8.437  -42.721 1.00 194.41 ? 101 GLU A CA 1 
ATOM 85  C CA . LYS A 1 102 ? 0.527   -5.787  -45.508 1.00 200.55 ? 102 LYS A CA 1 
ATOM 86  C CA . LYS A 1 103 ? 4.223   -5.045  -44.836 1.00 196.75 ? 103 LYS A CA 1 
ATOM 87  C CA . ARG A 1 104 ? 5.802   -8.532  -45.072 1.00 197.90 ? 104 ARG A CA 1 
ATOM 88  C CA . LYS A 1 105 ? 3.555   -9.430  -48.032 1.00 194.45 ? 105 LYS A CA 1 
ATOM 89  C CA . PHE A 1 106 ? 4.375   -6.559  -50.444 1.00 196.71 ? 106 PHE A CA 1 
ATOM 90  C CA . ILE A 1 107 ? 8.076   -6.318  -49.473 1.00 181.82 ? 107 ILE A CA 1 
ATOM 91  C CA . LYS A 1 108 ? 9.049   -9.513  -51.357 1.00 188.48 ? 108 LYS A CA 1 
ATOM 92  C CA . GLY A 1 109 ? 5.871   -10.035 -53.423 1.00 184.48 ? 109 GLY A CA 1 
ATOM 93  C CA . LYS A 1 125 ? -0.072  4.420   -46.144 1.00 202.69 ? 125 LYS A CA 1 
ATOM 94  C CA . VAL A 1 126 ? -3.451  5.535   -47.564 1.00 200.12 ? 126 VAL A CA 1 
ATOM 95  C CA . ARG A 1 127 ? -4.892  2.336   -46.048 1.00 197.87 ? 127 ARG A CA 1 
ATOM 96  C CA . ILE A 1 128 ? -2.885  2.645   -42.811 1.00 190.42 ? 128 ILE A CA 1 
ATOM 97  C CA . GLU A 1 129 ? -4.689  5.968   -42.121 1.00 195.77 ? 129 GLU A CA 1 
ATOM 98  C CA . GLY A 1 130 ? -7.733  4.572   -43.928 1.00 196.98 ? 130 GLY A CA 1 
ATOM 99  C CA . SER A 1 131 ? -8.436  1.168   -42.346 1.00 193.71 ? 131 SER A CA 1 
ATOM 100 C CA . LEU A 1 132 ? -6.836  1.744   -38.946 1.00 185.95 ? 132 LEU A CA 1 
ATOM 101 C CA . TRP A 1 133 ? -7.433  5.443   -38.257 1.00 169.42 ? 133 TRP A CA 1 
ATOM 102 C CA . TRP A 1 134 ? -11.039 4.630   -39.138 1.00 165.95 ? 134 TRP A CA 1 
ATOM 103 C CA . THR A 1 135 ? -11.640 1.589   -36.857 1.00 154.35 ? 135 THR A CA 1 
ATOM 104 C CA . TYR A 1 136 ? -9.876  3.586   -34.137 1.00 140.87 ? 136 TYR A CA 1 
ATOM 105 C CA . THR A 1 137 ? -12.476 6.347   -34.590 1.00 154.52 ? 137 THR A CA 1 
ATOM 106 C CA . SER A 1 138 ? -15.294 3.790   -34.130 1.00 151.06 ? 138 SER A CA 1 
ATOM 107 C CA . SER A 1 139 ? -13.317 2.349   -31.216 1.00 146.07 ? 139 SER A CA 1 
ATOM 108 C CA . ILE A 1 140 ? -13.316 5.717   -29.476 1.00 138.73 ? 140 ILE A CA 1 
ATOM 109 C CA . PHE A 1 141 ? -17.070 5.636   -30.144 1.00 148.42 ? 141 PHE A CA 1 
ATOM 110 C CA . PHE A 1 142 ? -17.243 2.134   -28.599 1.00 137.28 ? 142 PHE A CA 1 
ATOM 111 C CA . ARG A 1 143 ? -15.147 3.198   -25.575 1.00 141.66 ? 143 ARG A CA 1 
ATOM 112 C CA . VAL A 1 144 ? -17.601 5.956   -24.687 1.00 133.08 ? 144 VAL A CA 1 
ATOM 113 C CA . ILE A 1 145 ? -20.550 3.675   -25.521 1.00 131.56 ? 145 ILE A CA 1 
ATOM 114 C CA . PHE A 1 146 ? -19.330 1.232   -22.846 1.00 115.63 ? 146 PHE A CA 1 
ATOM 115 C CA . GLU A 1 147 ? -17.898 3.719   -20.309 1.00 118.31 ? 147 GLU A CA 1 
ATOM 116 C CA . ALA A 1 148 ? -21.403 5.218   -20.423 1.00 118.48 ? 148 ALA A CA 1 
ATOM 117 C CA . ALA A 1 149 ? -23.400 1.963   -20.781 1.00 116.46 ? 149 ALA A CA 1 
ATOM 118 C CA . PHE A 1 150 ? -22.146 0.924   -17.347 1.00 108.62 ? 150 PHE A CA 1 
ATOM 119 C CA . MET A 1 151 ? -21.896 4.391   -15.824 1.00 117.04 ? 151 MET A CA 1 
ATOM 120 C CA . TYR A 1 152 ? -25.637 4.188   -16.623 1.00 120.64 ? 152 TYR A CA 1 
ATOM 121 C CA . VAL A 1 153 ? -26.388 0.859   -14.887 1.00 111.81 ? 153 VAL A CA 1 
ATOM 122 C CA . PHE A 1 154 ? -24.106 1.747   -11.922 1.00 131.72 ? 154 PHE A CA 1 
ATOM 123 C CA . TYR A 1 155 ? -26.399 4.734   -11.377 1.00 141.05 ? 155 TYR A CA 1 
ATOM 124 C CA . VAL A 1 156 ? -29.782 3.256   -12.315 1.00 149.82 ? 156 VAL A CA 1 
ATOM 125 C CA . MET A 1 157 ? -29.355 -0.301  -11.007 1.00 159.64 ? 157 MET A CA 1 
ATOM 126 C CA . TYR A 1 158 ? -28.107 0.634   -7.533  1.00 162.50 ? 158 TYR A CA 1 
ATOM 127 C CA . ASP A 1 159 ? -30.736 2.649   -5.587  1.00 179.96 ? 159 ASP A CA 1 
ATOM 128 C CA . GLY A 1 160 ? -29.341 6.174   -6.056  1.00 184.94 ? 160 GLY A CA 1 
ATOM 129 C CA . PHE A 1 161 ? -25.623 6.993   -6.195  1.00 180.39 ? 161 PHE A CA 1 
ATOM 130 C CA . SER A 1 162 ? -24.386 5.164   -3.042  1.00 159.00 ? 162 SER A CA 1 
ATOM 131 C CA . MET A 1 163 ? -25.375 2.549   -0.395  1.00 132.51 ? 163 MET A CA 1 
ATOM 132 C CA . GLN A 1 164 ? -27.091 2.967   2.988   1.00 124.09 ? 164 GLN A CA 1 
ATOM 133 C CA . ARG A 1 165 ? -25.872 1.543   6.312   1.00 109.65 ? 165 ARG A CA 1 
ATOM 134 C CA . LEU A 1 166 ? -28.880 -0.720  6.613   1.00 99.63  ? 166 LEU A CA 1 
ATOM 135 C CA . VAL A 1 167 ? -31.412 -1.867  4.141   1.00 96.26  ? 167 VAL A CA 1 
ATOM 136 C CA . LYS A 1 168 ? -35.058 -2.826  4.768   1.00 102.27 ? 168 LYS A CA 1 
ATOM 137 C CA . CYS A 1 169 ? -35.292 -6.034  2.746   1.00 96.37  ? 169 CYS A CA 1 
ATOM 138 C CA . ASN A 1 170 ? -38.525 -7.646  1.646   1.00 101.46 ? 170 ASN A CA 1 
ATOM 139 C CA . ALA A 1 171 ? -36.842 -10.729 0.255   1.00 94.46  ? 171 ALA A CA 1 
ATOM 140 C CA . TRP A 1 172 ? -39.338 -13.582 -0.068  1.00 83.63  ? 172 TRP A CA 1 
ATOM 141 C CA . PRO A 1 173 ? -38.680 -15.882 2.842   1.00 83.50  ? 173 PRO A CA 1 
ATOM 142 C CA . CYS A 1 174 ? -38.232 -13.181 5.435   1.00 94.08  ? 174 CYS A CA 1 
ATOM 143 C CA . PRO A 1 175 ? -41.125 -12.589 7.810   1.00 109.37 ? 175 PRO A CA 1 
ATOM 144 C CA . ASN A 1 176 ? -42.693 -9.384  6.514   1.00 111.54 ? 176 ASN A CA 1 
ATOM 145 C CA . THR A 1 177 ? -40.215 -6.493  6.415   1.00 106.78 ? 177 THR A CA 1 
ATOM 146 C CA . VAL A 1 178 ? -36.820 -7.215  8.019   1.00 88.78  ? 178 VAL A CA 1 
ATOM 147 C CA . ASP A 1 179 ? -33.689 -5.207  8.615   1.00 89.78  ? 179 ASP A CA 1 
ATOM 148 C CA . CYS A 1 180 ? -30.242 -6.098  7.259   1.00 97.67  ? 180 CYS A CA 1 
ATOM 149 C CA . PHE A 1 181 ? -26.961 -4.220  7.446   1.00 105.13 ? 181 PHE A CA 1 
ATOM 150 C CA . VAL A 1 182 ? -24.056 -3.900  5.035   1.00 97.12  ? 182 VAL A CA 1 
ATOM 151 C CA . SER A 1 183 ? -20.313 -3.806  5.723   1.00 97.94  ? 183 SER A CA 1 
ATOM 152 C CA . ARG A 1 184 ? -18.481 -0.522  5.504   1.00 93.52  ? 184 ARG A CA 1 
ATOM 153 C CA . PRO A 1 185 ? -21.112 1.020   3.202   1.00 92.22  ? 185 PRO A CA 1 
ATOM 154 C CA . THR A 1 186 ? -19.103 4.289   3.351   1.00 87.79  ? 186 THR A CA 1 
ATOM 155 C CA . GLU A 1 187 ? -15.721 2.769   2.376   1.00 89.67  ? 187 GLU A CA 1 
ATOM 156 C CA . LYS A 1 188 ? -17.760 0.973   -0.235  1.00 95.48  ? 188 LYS A CA 1 
ATOM 157 C CA . THR A 1 189 ? -19.218 4.278   -1.434  1.00 93.73  ? 189 THR A CA 1 
ATOM 158 C CA . VAL A 1 190 ? -15.985 6.207   -1.215  1.00 82.64  ? 190 VAL A CA 1 
ATOM 159 C CA . PHE A 1 191 ? -14.678 3.762   -3.799  1.00 84.26  ? 191 PHE A CA 1 
ATOM 160 C CA . THR A 1 192 ? -17.907 4.069   -5.812  1.00 91.96  ? 192 THR A CA 1 
ATOM 161 C CA . VAL A 1 193 ? -17.267 7.846   -6.015  1.00 87.38  ? 193 VAL A CA 1 
ATOM 162 C CA . PHE A 1 194 ? -13.660 7.668   -7.241  1.00 91.28  ? 194 PHE A CA 1 
ATOM 163 C CA . MET A 1 195 ? -14.518 4.883   -9.683  1.00 95.47  ? 195 MET A CA 1 
ATOM 164 C CA . ILE A 1 196 ? -17.595 6.781   -10.841 1.00 95.66  ? 196 ILE A CA 1 
ATOM 165 C CA . ALA A 1 197 ? -15.726 10.100  -11.000 1.00 95.11  ? 197 ALA A CA 1 
ATOM 166 C CA . VAL A 1 198 ? -12.847 8.586   -12.996 1.00 98.75  ? 198 VAL A CA 1 
ATOM 167 C CA . SER A 1 199 ? -15.597 6.834   -14.976 1.00 106.48 ? 199 SER A CA 1 
ATOM 168 C CA . GLY A 1 200 ? -16.858 10.295  -16.009 1.00 113.64 ? 200 GLY A CA 1 
ATOM 169 C CA . ILE A 1 201 ? -13.438 11.836  -16.566 1.00 124.89 ? 201 ILE A CA 1 
ATOM 170 C CA . CYS A 1 202 ? -12.514 8.847   -18.745 1.00 132.22 ? 202 CYS A CA 1 
ATOM 171 C CA . ILE A 1 203 ? -15.772 9.571   -20.606 1.00 132.78 ? 203 ILE A CA 1 
ATOM 172 C CA . LEU A 1 204 ? -14.780 13.159  -21.522 1.00 120.93 ? 204 LEU A CA 1 
ATOM 173 C CA . LEU A 1 205 ? -11.273 12.299  -22.711 1.00 121.01 ? 205 LEU A CA 1 
ATOM 174 C CA . ASN A 1 206 ? -12.934 9.597   -24.813 1.00 129.28 ? 206 ASN A CA 1 
ATOM 175 C CA . VAL A 1 207 ? -15.514 12.104  -26.140 1.00 137.92 ? 207 VAL A CA 1 
ATOM 176 C CA . THR A 1 208 ? -12.834 14.794  -26.746 1.00 127.61 ? 208 THR A CA 1 
ATOM 177 C CA . GLU A 1 209 ? -11.049 12.302  -28.993 1.00 138.11 ? 209 GLU A CA 1 
ATOM 178 C CA . LEU A 1 210 ? -14.385 11.553  -30.715 1.00 160.54 ? 210 LEU A CA 1 
ATOM 179 C CA . CYS A 1 211 ? -14.794 15.345  -30.923 1.00 170.99 ? 211 CYS A CA 1 
ATOM 180 C CA . TYR A 1 212 ? -11.358 15.942  -32.553 1.00 170.16 ? 212 TYR A CA 1 
ATOM 181 C CA . LEU A 1 213 ? -12.235 13.309  -35.164 1.00 177.44 ? 213 LEU A CA 1 
ATOM 182 C CA . LEU A 1 214 ? -15.506 15.171  -35.755 1.00 180.01 ? 214 LEU A CA 1 
ATOM 183 C CA . ILE A 1 215 ? -13.774 18.578  -36.088 1.00 193.35 ? 215 ILE A CA 1 
ATOM 184 C CA . ARG A 1 216 ? -11.318 17.809  -38.944 1.00 191.17 ? 216 ARG A CA 1 
ATOM 185 C CA . TYR A 1 217 ? -13.544 14.944  -40.191 1.00 199.68 ? 217 TYR A CA 1 
ATOM 186 C CA . THR B 1 18  ? 22.691  17.289  -7.614  1.00 207.55 ? 18  THR B CA 1 
ATOM 187 C CA . SER B 1 19  ? 21.287  17.502  -4.048  1.00 208.47 ? 19  SER B CA 1 
ATOM 188 C CA . ILE B 1 20  ? 21.817  14.060  -2.352  1.00 204.31 ? 20  ILE B CA 1 
ATOM 189 C CA . GLY B 1 21  ? 18.037  14.176  -1.662  1.00 179.95 ? 21  GLY B CA 1 
ATOM 190 C CA . LYS B 1 22  ? 17.159  12.823  -5.098  1.00 162.18 ? 22  LYS B CA 1 
ATOM 191 C CA . ILE B 1 23  ? 17.751  9.154   -4.213  1.00 156.01 ? 23  ILE B CA 1 
ATOM 192 C CA . TRP B 1 24  ? 17.217  9.550   -0.439  1.00 147.46 ? 24  TRP B CA 1 
ATOM 193 C CA . LEU B 1 25  ? 13.589  10.501  -1.123  1.00 130.74 ? 25  LEU B CA 1 
ATOM 194 C CA . THR B 1 26  ? 13.058  7.481   -3.374  1.00 128.43 ? 26  THR B CA 1 
ATOM 195 C CA . VAL B 1 27  ? 14.875  5.039   -1.084  1.00 136.50 ? 27  VAL B CA 1 
ATOM 196 C CA . LEU B 1 28  ? 12.249  6.040   1.516   1.00 126.46 ? 28  LEU B CA 1 
ATOM 197 C CA . PHE B 1 29  ? 9.448   5.809   -1.050  1.00 123.99 ? 29  PHE B CA 1 
ATOM 198 C CA . ILE B 1 30  ? 10.500  2.169   -1.342  1.00 117.26 ? 30  ILE B CA 1 
ATOM 199 C CA . PHE B 1 31  ? 11.087  1.753   2.442   1.00 106.23 ? 31  PHE B CA 1 
ATOM 200 C CA . ARG B 1 32  ? 7.645   3.312   3.027   1.00 101.39 ? 32  ARG B CA 1 
ATOM 201 C CA . ILE B 1 33  ? 5.938   0.820   0.679   1.00 97.33  ? 33  ILE B CA 1 
ATOM 202 C CA . MET B 1 34  ? 7.910   -1.903  2.437   1.00 100.42 ? 34  MET B CA 1 
ATOM 203 C CA . ILE B 1 35  ? 6.643   -0.983  5.886   1.00 110.72 ? 35  ILE B CA 1 
ATOM 204 C CA . LEU B 1 36  ? 3.062   -0.750  4.498   1.00 104.71 ? 36  LEU B CA 1 
ATOM 205 C CA . VAL B 1 37  ? 3.285   -4.048  2.570   1.00 111.69 ? 37  VAL B CA 1 
ATOM 206 C CA . VAL B 1 38  ? 4.021   -5.475  6.022   1.00 104.45 ? 38  VAL B CA 1 
ATOM 207 C CA . ALA B 1 39  ? 1.348   -3.691  8.116   1.00 109.48 ? 39  ALA B CA 1 
ATOM 208 C CA . ALA B 1 40  ? -1.613  -4.178  5.737   1.00 123.99 ? 40  ALA B CA 1 
ATOM 209 C CA . LYS B 1 41  ? -2.064  -7.909  5.153   1.00 145.75 ? 41  LYS B CA 1 
ATOM 210 C CA . GLU B 1 42  ? -0.828  -8.559  8.677   1.00 137.91 ? 42  GLU B CA 1 
ATOM 211 C CA . VAL B 1 43  ? -2.206  -6.183  11.330  1.00 107.87 ? 43  VAL B CA 1 
ATOM 212 C CA . TRP B 1 44  ? -5.392  -4.933  9.709   1.00 107.08 ? 44  TRP B CA 1 
ATOM 213 C CA . GLY B 1 45  ? -7.203  -8.204  8.849   1.00 104.41 ? 45  GLY B CA 1 
ATOM 214 C CA . ASP B 1 46  ? -8.185  -8.171  12.552  1.00 104.71 ? 46  ASP B CA 1 
ATOM 215 C CA . GLU B 1 47  ? -9.532  -4.611  12.394  1.00 109.63 ? 47  GLU B CA 1 
ATOM 216 C CA . GLN B 1 48  ? -13.114 -5.679  11.738  1.00 105.56 ? 48  GLN B CA 1 
ATOM 217 C CA . ALA B 1 49  ? -12.945 -9.310  12.858  1.00 102.44 ? 49  ALA B CA 1 
ATOM 218 C CA . ASP B 1 50  ? -11.688 -9.012  16.405  1.00 105.45 ? 50  ASP B CA 1 
ATOM 219 C CA . PHE B 1 51  ? -13.423 -5.624  16.924  1.00 94.00  ? 51  PHE B CA 1 
ATOM 220 C CA . VAL B 1 52  ? -15.615 -6.451  19.922  1.00 89.76  ? 52  VAL B CA 1 
ATOM 221 C CA . CYS B 1 53  ? -18.616 -4.476  21.076  1.00 88.25  ? 53  CYS B CA 1 
ATOM 222 C CA . ASN B 1 54  ? -20.055 -5.562  24.438  1.00 82.09  ? 54  ASN B CA 1 
ATOM 223 C CA . THR B 1 55  ? -23.726 -5.444  23.408  1.00 78.05  ? 55  THR B CA 1 
ATOM 224 C CA . LEU B 1 56  ? -26.181 -8.055  22.065  1.00 83.20  ? 56  LEU B CA 1 
ATOM 225 C CA . GLN B 1 57  ? -27.849 -5.436  19.998  1.00 84.20  ? 57  GLN B CA 1 
ATOM 226 C CA . PRO B 1 58  ? -27.655 -6.559  16.373  1.00 82.37  ? 58  PRO B CA 1 
ATOM 227 C CA . GLY B 1 59  ? -27.035 -3.357  14.413  1.00 81.39  ? 59  GLY B CA 1 
ATOM 228 C CA . CYS B 1 60  ? -24.382 -2.080  16.785  1.00 81.22  ? 60  CYS B CA 1 
ATOM 229 C CA . LYS B 1 61  ? -20.968 -3.703  16.075  1.00 83.39  ? 61  LYS B CA 1 
ATOM 230 C CA . ASN B 1 62  ? -20.996 -3.020  12.317  1.00 88.76  ? 62  ASN B CA 1 
ATOM 231 C CA . VAL B 1 63  ? -22.152 0.543   12.902  1.00 91.65  ? 63  VAL B CA 1 
ATOM 232 C CA . CYS B 1 64  ? -19.561 0.916   15.624  1.00 88.03  ? 64  CYS B CA 1 
ATOM 233 C CA . TYR B 1 65  ? -16.698 -0.079  13.375  1.00 84.70  ? 65  TYR B CA 1 
ATOM 234 C CA . ASP B 1 66  ? -17.900 2.171   10.539  1.00 98.26  ? 66  ASP B CA 1 
ATOM 235 C CA . HIS B 1 67  ? -18.738 5.318   12.528  1.00 119.76 ? 67  HIS B CA 1 
ATOM 236 C CA . TYR B 1 68  ? -15.264 4.818   13.922  1.00 102.82 ? 68  TYR B CA 1 
ATOM 237 C CA . PHE B 1 69  ? -13.117 3.457   11.122  1.00 90.91  ? 69  PHE B CA 1 
ATOM 238 C CA . PRO B 1 70  ? -14.446 5.203   7.960   1.00 94.40  ? 70  PRO B CA 1 
ATOM 239 C CA . ILE B 1 71  ? -11.407 4.787   5.729   1.00 115.97 ? 71  ILE B CA 1 
ATOM 240 C CA . SER B 1 72  ? -9.252  2.401   7.725   1.00 103.41 ? 72  SER B CA 1 
ATOM 241 C CA . HIS B 1 73  ? -5.623  3.366   8.189   1.00 94.00  ? 73  HIS B CA 1 
ATOM 242 C CA . ILE B 1 74  ? -4.040  0.872   5.841   1.00 90.24  ? 74  ILE B CA 1 
ATOM 243 C CA . ARG B 1 75  ? -6.265  2.104   3.007   1.00 96.34  ? 75  ARG B CA 1 
ATOM 244 C CA . LEU B 1 76  ? -5.292  5.672   3.824   1.00 96.09  ? 76  LEU B CA 1 
ATOM 245 C CA . TRP B 1 77  ? -1.613  4.818   3.993   1.00 101.94 ? 77  TRP B CA 1 
ATOM 246 C CA . ALA B 1 78  ? -2.320  3.050   0.691   1.00 101.34 ? 78  ALA B CA 1 
ATOM 247 C CA . LEU B 1 79  ? -3.987  6.075   -0.924  1.00 95.33  ? 79  LEU B CA 1 
ATOM 248 C CA . GLN B 1 80  ? -1.084  8.218   0.251   1.00 91.70  ? 80  GLN B CA 1 
ATOM 249 C CA . LEU B 1 81  ? 1.481   6.030   -1.381  1.00 93.49  ? 81  LEU B CA 1 
ATOM 250 C CA . ILE B 1 82  ? -0.755  6.075   -4.483  1.00 104.86 ? 82  ILE B CA 1 
ATOM 251 C CA . PHE B 1 83  ? -1.299  9.858   -4.838  1.00 105.85 ? 83  PHE B CA 1 
ATOM 252 C CA . VAL B 1 84  ? 2.264   10.771  -3.814  1.00 107.39 ? 84  VAL B CA 1 
ATOM 253 C CA . SER B 1 85  ? 3.270   8.033   -6.275  1.00 118.60 ? 85  SER B CA 1 
ATOM 254 C CA . THR B 1 86  ? 1.351   9.781   -9.101  1.00 126.21 ? 86  THR B CA 1 
ATOM 255 C CA . PRO B 1 87  ? 3.459   12.956  -9.607  1.00 139.07 ? 87  PRO B CA 1 
ATOM 256 C CA . ALA B 1 88  ? 6.601   10.791  -9.539  1.00 146.33 ? 88  ALA B CA 1 
ATOM 257 C CA . LEU B 1 89  ? 5.316   8.558   -12.373 1.00 150.84 ? 89  LEU B CA 1 
ATOM 258 C CA . LEU B 1 90  ? 3.400   11.256  -14.258 1.00 144.44 ? 90  LEU B CA 1 
ATOM 259 C CA . VAL B 1 91  ? 6.637   13.227  -14.686 1.00 139.33 ? 91  VAL B CA 1 
ATOM 260 C CA . ALA B 1 92  ? 8.720   10.145  -15.495 1.00 144.45 ? 92  ALA B CA 1 
ATOM 261 C CA . MET B 1 93  ? 5.944   9.452   -18.021 1.00 157.54 ? 93  MET B CA 1 
ATOM 262 C CA . HIS B 1 94  ? 6.013   13.040  -19.310 1.00 160.31 ? 94  HIS B CA 1 
ATOM 263 C CA . VAL B 1 95  ? 9.775   12.595  -19.886 1.00 155.87 ? 95  VAL B CA 1 
ATOM 264 C CA . ALA B 1 96  ? 10.146  9.165   -21.546 1.00 160.60 ? 96  ALA B CA 1 
ATOM 265 C CA . TYR B 1 97  ? 7.350   10.282  -23.902 1.00 179.36 ? 97  TYR B CA 1 
ATOM 266 C CA . ARG B 1 98  ? 8.353   13.863  -24.804 1.00 180.13 ? 98  ARG B CA 1 
ATOM 267 C CA . ARG B 1 99  ? 12.065  12.934  -24.951 1.00 184.14 ? 99  ARG B CA 1 
ATOM 268 C CA . HIS B 1 100 ? 11.466  9.867   -27.152 1.00 189.73 ? 100 HIS B CA 1 
ATOM 269 C CA . GLU B 1 101 ? 9.112   12.004  -29.292 1.00 194.42 ? 101 GLU B CA 1 
ATOM 270 C CA . LYS B 1 102 ? 11.188  15.168  -29.988 1.00 200.55 ? 102 LYS B CA 1 
ATOM 271 C CA . LYS B 1 103 ? 14.296  13.005  -30.564 1.00 196.76 ? 103 LYS B CA 1 
ATOM 272 C CA . ARG B 1 104 ? 13.062  10.494  -33.193 1.00 197.92 ? 104 ARG B CA 1 
ATOM 273 C CA . LYS B 1 105 ? 11.102  13.250  -35.000 1.00 194.46 ? 105 LYS B CA 1 
ATOM 274 C CA . PHE B 1 106 ? 13.892  15.796  -35.640 1.00 196.70 ? 106 PHE B CA 1 
ATOM 275 C CA . ILE B 1 107 ? 16.627  13.177  -36.268 1.00 181.83 ? 107 ILE B CA 1 
ATOM 276 C CA . LYS B 1 108 ? 15.319  12.245  -39.751 1.00 188.50 ? 108 LYS B CA 1 
ATOM 277 C CA . GLY B 1 109 ? 12.863  15.125  -40.314 1.00 184.49 ? 109 GLY B CA 1 
ATOM 278 C CA . LYS B 1 125 ? 17.826  21.073  -24.920 1.00 202.67 ? 125 LYS B CA 1 
ATOM 279 C CA . VAL B 1 126 ? 16.295  24.478  -24.056 1.00 200.11 ? 126 VAL B CA 1 
ATOM 280 C CA . ARG B 1 127 ? 12.916  22.696  -23.982 1.00 197.89 ? 127 ARG B CA 1 
ATOM 281 C CA . ILE B 1 128 ? 14.273  19.613  -22.193 1.00 190.42 ? 128 ILE B CA 1 
ATOM 282 C CA . GLU B 1 129 ? 15.198  21.859  -19.227 1.00 195.76 ? 129 GLU B CA 1 
ATOM 283 C CA . GLY B 1 130 ? 12.210  24.050  -20.099 1.00 196.98 ? 130 GLY B CA 1 
ATOM 284 C CA . SER B 1 131 ? 9.212   21.719  -20.397 1.00 193.70 ? 131 SER B CA 1 
ATOM 285 C CA . LEU B 1 132 ? 10.435  18.888  -18.178 1.00 185.94 ? 132 LEU B CA 1 
ATOM 286 C CA . TRP B 1 133 ? 12.490  20.650  -15.484 1.00 169.44 ? 133 TRP B CA 1 
ATOM 287 C CA . TRP B 1 134 ? 9.414   22.862  -15.137 1.00 165.97 ? 134 TRP B CA 1 
ATOM 288 C CA . THR B 1 135 ? 6.672   20.177  -14.767 1.00 154.37 ? 135 THR B CA 1 
ATOM 289 C CA . TYR B 1 136 ? 9.068   18.419  -12.388 1.00 140.88 ? 136 TYR B CA 1 
ATOM 290 C CA . THR B 1 137 ? 9.137   21.576  -10.248 1.00 154.51 ? 137 THR B CA 1 
ATOM 291 C CA . SER B 1 138 ? 5.311   21.588  -10.111 1.00 151.05 ? 138 SER B CA 1 
ATOM 292 C CA . SER B 1 139 ? 5.454   17.851  -9.444  1.00 146.07 ? 139 SER B CA 1 
ATOM 293 C CA . ILE B 1 140 ? 7.609   18.421  -6.377  1.00 138.71 ? 140 ILE B CA 1 
ATOM 294 C CA . PHE B 1 141 ? 4.915   20.940  -5.433  1.00 148.41 ? 141 PHE B CA 1 
ATOM 295 C CA . PHE B 1 142 ? 2.256   18.273  -6.041  1.00 137.25 ? 142 PHE B CA 1 
ATOM 296 C CA . ARG B 1 143 ? 4.180   15.647  -4.025  1.00 141.71 ? 143 ARG B CA 1 
ATOM 297 C CA . VAL B 1 144 ? 4.238   17.855  -0.938  1.00 133.07 ? 144 VAL B CA 1 
ATOM 298 C CA . ILE B 1 145 ? 0.635   18.923  -1.596  1.00 131.51 ? 145 ILE B CA 1 
ATOM 299 C CA . PHE B 1 146 ? -0.429  15.263  -1.327  1.00 115.60 ? 146 PHE B CA 1 
ATOM 300 C CA . GLU B 1 147 ? 2.063   14.061  1.315   1.00 118.30 ? 147 GLU B CA 1 
ATOM 301 C CA . ALA B 1 148 ? 0.585   16.882  3.427   1.00 118.45 ? 148 ALA B CA 1 
ATOM 302 C CA . ALA B 1 149 ? -3.061  16.588  2.231   1.00 116.43 ? 149 ALA B CA 1 
ATOM 303 C CA . PHE B 1 150 ? -3.203  13.127  3.807   1.00 108.63 ? 150 PHE B CA 1 
ATOM 304 C CA . MET B 1 151 ? -0.775  13.751  6.647   1.00 117.00 ? 151 MET B CA 1 
ATOM 305 C CA . TYR B 1 152 ? -3.531  16.282  7.444   1.00 120.63 ? 152 TYR B CA 1 
ATOM 306 C CA . VAL B 1 153 ? -6.523  13.921  7.298   1.00 111.79 ? 153 VAL B CA 1 
ATOM 307 C CA . PHE B 1 154 ? -4.548  11.145  9.085   1.00 131.73 ? 154 PHE B CA 1 
ATOM 308 C CA . TYR B 1 155 ? -4.206  13.592  11.981  1.00 141.06 ? 155 TYR B CA 1 
ATOM 309 C CA . VAL B 1 156 ? -7.578  15.381  11.844  1.00 149.81 ? 156 VAL B CA 1 
ATOM 310 C CA . MET B 1 157 ? -9.839  12.501  10.797  1.00 159.58 ? 157 MET B CA 1 
ATOM 311 C CA . TYR B 1 158 ? -8.622  10.016  13.408  1.00 162.51 ? 158 TYR B CA 1 
ATOM 312 C CA . ASP B 1 159 ? -9.317  11.249  16.979  1.00 179.97 ? 159 ASP B CA 1 
ATOM 313 C CA . GLY B 1 160 ? -5.840  12.546  17.913  1.00 184.93 ? 160 GLY B CA 1 
ATOM 314 C CA . PHE B 1 161 ? -2.594  10.921  16.759  1.00 180.39 ? 161 PHE B CA 1 
ATOM 315 C CA . SER B 1 162 ? -3.265  7.257   17.692  1.00 159.01 ? 162 SER B CA 1 
ATOM 316 C CA . MET B 1 163 ? -6.030  4.785   18.717  1.00 132.53 ? 163 MET B CA 1 
ATOM 317 C CA . GLN B 1 164 ? -7.290  3.766   22.176  1.00 124.08 ? 164 GLN B CA 1 
ATOM 318 C CA . ARG B 1 165 ? -7.702  0.173   23.415  1.00 109.65 ? 165 ARG B CA 1 
ATOM 319 C CA . LEU B 1 166 ? -11.454 0.560   23.686  1.00 99.65  ? 166 LEU B CA 1 
ATOM 320 C CA . VAL B 1 167 ? -13.838 3.032   22.223  1.00 96.23  ? 167 VAL B CA 1 
ATOM 321 C CA . LYS B 1 168 ? -17.173 4.207   23.657  1.00 102.30 ? 168 LYS B CA 1 
ATOM 322 C CA . CYS B 1 169 ? -19.354 4.019   20.563  1.00 96.39  ? 169 CYS B CA 1 
ATOM 323 C CA . ASN B 1 170 ? -22.698 5.758   20.186  1.00 101.42 ? 170 ASN B CA 1 
ATOM 324 C CA . ALA B 1 171 ? -23.471 4.187   16.844  1.00 94.43  ? 171 ALA B CA 1 
ATOM 325 C CA . TRP B 1 172 ? -27.190 4.334   16.115  1.00 83.61  ? 172 TRP B CA 1 
ATOM 326 C CA . PRO B 1 173 ? -28.584 0.915   16.852  1.00 83.49  ? 173 PRO B CA 1 
ATOM 327 C CA . CYS B 1 174 ? -26.652 0.316   20.037  1.00 94.11  ? 174 CYS B CA 1 
ATOM 328 C CA . PRO B 1 175 ? -28.536 0.732   23.303  1.00 109.38 ? 175 PRO B CA 1 
ATOM 329 C CA . ASN B 1 176 ? -27.349 4.097   24.615  1.00 111.53 ? 176 ASN B CA 1 
ATOM 330 C CA . THR B 1 177 ? -23.569 4.193   25.081  1.00 106.78 ? 177 THR B CA 1 
ATOM 331 C CA . VAL B 1 178 ? -21.772 0.859   24.543  1.00 88.76  ? 178 VAL B CA 1 
ATOM 332 C CA . ASP B 1 179 ? -18.195 -0.289  24.769  1.00 89.80  ? 179 ASP B CA 1 
ATOM 333 C CA . CYS B 1 180 ? -16.201 -1.833  21.931  1.00 97.61  ? 180 CYS B CA 1 
ATOM 334 C CA . PHE B 1 181 ? -12.557 -2.833  21.706  1.00 105.14 ? 181 PHE B CA 1 
ATOM 335 C CA . VAL B 1 182 ? -10.052 -2.757  18.875  1.00 97.08  ? 182 VAL B CA 1 
ATOM 336 C CA . SER B 1 183 ? -7.337  -5.271  17.975  1.00 97.92  ? 183 SER B CA 1 
ATOM 337 C CA . ARG B 1 184 ? -3.744  -4.521  18.805  1.00 93.50  ? 184 ARG B CA 1 
ATOM 338 C CA . PRO B 1 185 ? -4.347  -0.752  18.912  1.00 92.16  ? 185 PRO B CA 1 
ATOM 339 C CA . THR B 1 186 ? -0.669  -0.356  19.926  1.00 87.74  ? 186 THR B CA 1 
ATOM 340 C CA . GLU B 1 187 ? 0.836   -2.404  17.075  1.00 89.63  ? 187 GLU B CA 1 
ATOM 341 C CA . LYS B 1 188 ? -1.617  -0.452  14.967  1.00 95.45  ? 188 LYS B CA 1 
ATOM 342 C CA . THR B 1 189 ? -0.284  2.814   16.379  1.00 93.68  ? 189 THR B CA 1 
ATOM 343 C CA . VAL B 1 190 ? 3.356   1.851   16.270  1.00 82.61  ? 190 VAL B CA 1 
ATOM 344 C CA . PHE B 1 191 ? 2.830   1.516   12.516  1.00 84.21  ? 191 PHE B CA 1 
ATOM 345 C CA . THR B 1 192 ? 0.919   4.825   12.459  1.00 91.94  ? 192 THR B CA 1 
ATOM 346 C CA . VAL B 1 193 ? 3.988   6.493   14.007  1.00 87.29  ? 193 VAL B CA 1 
ATOM 347 C CA . PHE B 1 194 ? 6.572   5.117   11.537  1.00 91.22  ? 194 PHE B CA 1 
ATOM 348 C CA . MET B 1 195 ? 4.282   5.811   8.581   1.00 95.46  ? 195 MET B CA 1 
ATOM 349 C CA . ILE B 1 196 ? 3.471   9.272   9.937   1.00 95.65  ? 196 ILE B CA 1 
ATOM 350 C CA . ALA B 1 197 ? 7.137   9.980   10.781  1.00 95.10  ? 197 ALA B CA 1 
ATOM 351 C CA . VAL B 1 198 ? 8.344   8.879   7.354   1.00 98.74  ? 198 VAL B CA 1 
ATOM 352 C CA . SER B 1 199 ? 5.352   10.859  6.046   1.00 106.48 ? 199 SER B CA 1 
ATOM 353 C CA . GLY B 1 200 ? 6.937   13.981  7.570   1.00 113.65 ? 200 GLY B CA 1 
ATOM 354 C CA . ILE B 1 201 ? 10.512  13.188  6.589   1.00 124.90 ? 201 ILE B CA 1 
ATOM 355 C CA . CYS B 1 202 ? 9.344   12.571  3.011   1.00 132.20 ? 202 CYS B CA 1 
ATOM 356 C CA . ILE B 1 203 ? 7.648   15.976  3.295   1.00 132.78 ? 203 ILE B CA 1 
ATOM 357 C CA . LEU B 1 204 ? 10.905  17.831  4.085   1.00 120.92 ? 204 LEU B CA 1 
ATOM 358 C CA . LEU B 1 205 ? 12.975  16.196  1.341   1.00 121.01 ? 205 LEU B CA 1 
ATOM 359 C CA . ASN B 1 206 ? 10.126  17.133  -0.997  1.00 129.27 ? 206 ASN B CA 1 
ATOM 360 C CA . VAL B 1 207 ? 10.102  20.723  0.331   1.00 137.91 ? 207 VAL B CA 1 
ATOM 361 C CA . THR B 1 208 ? 13.930  20.945  0.230   1.00 127.58 ? 208 THR B CA 1 
ATOM 362 C CA . GLU B 1 209 ? 13.718  20.145  -3.489  1.00 138.10 ? 209 GLU B CA 1 
ATOM 363 C CA . LEU B 1 210 ? 10.977  22.774  -3.858  1.00 160.54 ? 210 LEU B CA 1 
ATOM 364 C CA . CYS B 1 211 ? 13.302  25.059  -1.860  1.00 170.98 ? 211 CYS B CA 1 
ATOM 365 C CA . TYR B 1 212 ? 16.342  24.463  -4.149  1.00 170.16 ? 212 TYR B CA 1 
ATOM 366 C CA . LEU B 1 213 ? 14.165  25.336  -7.147  1.00 177.47 ? 213 LEU B CA 1 
ATOM 367 C CA . LEU B 1 214 ? 13.137  28.526  -5.300  1.00 180.03 ? 214 LEU B CA 1 
ATOM 368 C CA . ILE B 1 215 ? 16.757  29.467  -4.465  1.00 193.35 ? 215 ILE B CA 1 
ATOM 369 C CA . ARG B 1 216 ? 18.258  29.531  -7.999  1.00 191.17 ? 216 ARG B CA 1 
ATOM 370 C CA . TYR B 1 217 ? 14.806  30.170  -9.555  1.00 199.69 ? 217 TYR B CA 1 
ATOM 371 C CA . THR C 1 18  ? 40.648  -9.380  2.206   1.00 207.54 ? 18  THR C CA 1 
ATOM 372 C CA . SER C 1 19  ? 39.399  -10.838 5.540   1.00 208.44 ? 19  SER C CA 1 
ATOM 373 C CA . ILE C 1 20  ? 37.304  -13.993 4.730   1.00 204.30 ? 20  ILE C CA 1 
ATOM 374 C CA . GLY C 1 21  ? 34.535  -12.300 6.782   1.00 179.97 ? 21  GLY C CA 1 
ATOM 375 C CA . LYS C 1 22  ? 33.335  -10.228 3.828   1.00 162.21 ? 22  LYS C CA 1 
ATOM 376 C CA . ILE C 1 23  ? 31.225  -13.007 2.285   1.00 156.03 ? 23  ILE C CA 1 
ATOM 377 C CA . TRP C 1 24  ? 30.719  -14.984 5.532   1.00 147.46 ? 24  TRP C CA 1 
ATOM 378 C CA . LEU C 1 25  ? 28.745  -12.042 6.950   1.00 130.72 ? 25  LEU C CA 1 
ATOM 379 C CA . THR C 1 26  ? 26.563  -11.793 3.836   1.00 128.41 ? 26  THR C CA 1 
ATOM 380 C CA . VAL C 1 27  ? 26.017  -15.551 3.513   1.00 136.49 ? 27  VAL C CA 1 
ATOM 381 C CA . LEU C 1 28  ? 24.509  -15.299 7.010   1.00 126.45 ? 28  LEU C CA 1 
ATOM 382 C CA . PHE C 1 29  ? 22.565  -12.173 6.070   1.00 123.97 ? 29  PHE C CA 1 
ATOM 383 C CA . ILE C 1 30  ? 20.918  -14.429 3.496   1.00 117.27 ? 30  ILE C CA 1 
ATOM 384 C CA . PHE C 1 31  ? 20.679  -17.460 5.840   1.00 106.26 ? 31  PHE C CA 1 
ATOM 385 C CA . ARG C 1 32  ? 19.141  -15.154 8.483   1.00 101.40 ? 32  ARG C CA 1 
ATOM 386 C CA . ILE C 1 33  ? 16.476  -13.913 6.023   1.00 97.31  ? 33  ILE C CA 1 
ATOM 387 C CA . MET C 1 34  ? 15.866  -17.530 5.114   1.00 100.40 ? 34  MET C CA 1 
ATOM 388 C CA . ILE C 1 35  ? 15.227  -18.652 8.672   1.00 110.73 ? 35  ILE C CA 1 
ATOM 389 C CA . LEU C 1 36  ? 12.901  -15.614 9.173   1.00 104.69 ? 36  LEU C CA 1 
ATOM 390 C CA . VAL C 1 37  ? 11.047  -16.157 5.857   1.00 111.70 ? 37  VAL C CA 1 
ATOM 391 C CA . VAL C 1 38  ? 10.256  -19.560 7.365   1.00 104.48 ? 38  VAL C CA 1 
ATOM 392 C CA . ALA C 1 39  ? 9.303   -18.528 10.935  1.00 109.48 ? 39  ALA C CA 1 
ATOM 393 C CA . ALA C 1 40  ? 7.039   -15.570 10.059  1.00 124.00 ? 40  ALA C CA 1 
ATOM 394 C CA . LYS C 1 41  ? 4.266   -16.841 7.786   1.00 145.75 ? 41  LYS C CA 1 
ATOM 395 C CA . GLU C 1 42  ? 4.368   -20.171 9.594   1.00 137.98 ? 42  GLU C CA 1 
ATOM 396 C CA . VAL C 1 43  ? 4.695   -19.951 13.384  1.00 107.89 ? 43  VAL C CA 1 
ATOM 397 C CA . TRP C 1 44  ? 3.356   -16.493 14.108  1.00 107.09 ? 44  TRP C CA 1 
ATOM 398 C CA . GLY C 1 45  ? -0.083  -16.579 12.391  1.00 104.38 ? 45  GLY C CA 1 
ATOM 399 C CA . ASP C 1 46  ? -1.166  -18.431 15.565  1.00 104.71 ? 46  ASP C CA 1 
ATOM 400 C CA . GLU C 1 47  ? 0.273   -15.775 17.878  1.00 109.61 ? 47  GLU C CA 1 
ATOM 401 C CA . GLN C 1 48  ? -3.027  -13.911 18.201  1.00 105.57 ? 48  GLN C CA 1 
ATOM 402 C CA . ALA C 1 49  ? -5.462  -16.579 17.017  1.00 102.40 ? 49  ALA C CA 1 
ATOM 403 C CA . ASP C 1 50  ? -4.691  -19.458 19.349  1.00 105.44 ? 50  ASP C CA 1 
ATOM 404 C CA . PHE C 1 51  ? -3.710  -17.124 22.240  1.00 93.98  ? 51  PHE C CA 1 
ATOM 405 C CA . VAL C 1 52  ? -6.217  -18.275 24.875  1.00 89.75  ? 52  VAL C CA 1 
ATOM 406 C CA . CYS C 1 53  ? -7.204  -16.366 27.979  1.00 88.26  ? 53  CYS C CA 1 
ATOM 407 C CA . ASN C 1 54  ? -9.324  -18.346 30.462  1.00 82.12  ? 54  ASN C CA 1 
ATOM 408 C CA . THR C 1 55  ? -11.835 -15.563 31.195  1.00 78.04  ? 55  THR C CA 1 
ATOM 409 C CA . LEU C 1 56  ? -15.261 -14.656 29.763  1.00 83.16  ? 56  LEU C CA 1 
ATOM 410 C CA . GLN C 1 57  ? -14.501 -11.036 30.236  1.00 84.21  ? 57  GLN C CA 1 
ATOM 411 C CA . PRO C 1 58  ? -14.752 -9.328  26.875  1.00 82.38  ? 58  PRO C CA 1 
ATOM 412 C CA . GLY C 1 59  ? -11.958 -6.755  26.907  1.00 81.38  ? 59  GLY C CA 1 
ATOM 413 C CA . CYS C 1 60  ? -9.383  -9.131  28.337  1.00 81.19  ? 60  CYS C CA 1 
ATOM 414 C CA . LYS C 1 61  ? -7.901  -11.385 25.583  1.00 83.45  ? 61  LYS C CA 1 
ATOM 415 C CA . ASN C 1 62  ? -7.096  -8.548  23.165  1.00 88.72  ? 62  ASN C CA 1 
ATOM 416 C CA . VAL C 1 63  ? -5.611  -6.496  25.967  1.00 91.63  ? 63  VAL C CA 1 
ATOM 417 C CA . CYS C 1 64  ? -3.711  -9.518  27.185  1.00 88.01  ? 64  CYS C CA 1 
ATOM 418 C CA . TYR C 1 65  ? -2.091  -10.130 23.848  1.00 84.68  ? 65  TYR C CA 1 
ATOM 419 C CA . ASP C 1 66  ? -1.150  -6.461  23.427  1.00 98.26  ? 66  ASP C CA 1 
ATOM 420 C CA . HIS C 1 67  ? 0.157   -5.693  26.932  1.00 119.78 ? 67  HIS C CA 1 
ATOM 421 C CA . TYR C 1 68  ? 2.211   -8.818  26.350  1.00 102.80 ? 68  TYR C CA 1 
ATOM 422 C CA . PHE C 1 69  ? 3.161   -8.837  22.701  1.00 90.89  ? 69  PHE C CA 1 
ATOM 423 C CA . PRO C 1 70  ? 3.681   -5.143  21.788  1.00 94.35  ? 70  PRO C CA 1 
ATOM 424 C CA . ILE C 1 71  ? 5.867   -5.563  18.712  1.00 115.93 ? 71  ILE C CA 1 
ATOM 425 C CA . SER C 1 72  ? 5.642   -9.291  18.070  1.00 103.42 ? 72  SER C CA 1 
ATOM 426 C CA . HIS C 1 73  ? 8.909   -11.132 17.543  1.00 93.99  ? 73  HIS C CA 1 
ATOM 427 C CA . ILE C 1 74  ? 8.629   -11.718 13.824  1.00 90.23  ? 74  ILE C CA 1 
ATOM 428 C CA . ARG C 1 75  ? 8.124   -8.008  13.222  1.00 96.33  ? 75  ARG C CA 1 
ATOM 429 C CA . LEU C 1 76  ? 11.134  -7.276  15.390  1.00 96.09  ? 76  LEU C CA 1 
ATOM 430 C CA . TRP C 1 77  ? 13.250  -9.853  13.605  1.00 101.93 ? 77  TRP C CA 1 
ATOM 431 C CA . ALA C 1 78  ? 11.886  -8.180  10.473  1.00 101.31 ? 78  ALA C CA 1 
ATOM 432 C CA . LEU C 1 79  ? 12.853  -4.670  11.541  1.00 95.29  ? 79  LEU C CA 1 
ATOM 433 C CA . GLN C 1 80  ? 16.311  -5.972  12.459  1.00 91.69  ? 80  GLN C CA 1 
ATOM 434 C CA . LEU C 1 81  ? 16.899  -7.407  9.048   1.00 93.49  ? 81  LEU C CA 1 
ATOM 435 C CA . ILE C 1 82  ? 15.583  -4.104  7.646   1.00 104.81 ? 82  ILE C CA 1 
ATOM 436 C CA . PHE C 1 83  ? 17.768  -1.653  9.628   1.00 105.85 ? 83  PHE C CA 1 
ATOM 437 C CA . VAL C 1 84  ? 20.902  -3.830  9.504   1.00 107.39 ? 84  VAL C CA 1 
ATOM 438 C CA . SER C 1 85  ? 20.056  -4.169  5.795   1.00 118.58 ? 85  SER C CA 1 
ATOM 439 C CA . THR C 1 86  ? 20.080  -0.368  5.361   1.00 126.21 ? 86  THR C CA 1 
ATOM 440 C CA . PRO C 1 87  ? 23.818  0.403   5.890   1.00 139.09 ? 87  PRO C CA 1 
ATOM 441 C CA . ALA C 1 88  ? 24.674  -2.482  3.540   1.00 146.31 ? 88  ALA C CA 1 
ATOM 442 C CA . LEU C 1 89  ? 22.521  -1.028  0.726   1.00 150.81 ? 89  LEU C CA 1 
ATOM 443 C CA . LEU C 1 90  ? 23.113  2.649   1.527   1.00 144.42 ? 90  LEU C CA 1 
ATOM 444 C CA . VAL C 1 91  ? 26.856  2.128   1.013   1.00 139.32 ? 91  VAL C CA 1 
ATOM 445 C CA . ALA C 1 92  ? 26.403  -0.062  -2.076  1.00 144.44 ? 92  ALA C CA 1 
ATOM 446 C CA . MET C 1 93  ? 24.147  2.794   -3.253  1.00 157.53 ? 93  MET C CA 1 
ATOM 447 C CA . HIS C 1 94  ? 26.747  5.428   -2.305  1.00 160.31 ? 94  HIS C CA 1 
ATOM 448 C CA . VAL C 1 95  ? 29.262  3.491   -4.443  1.00 155.87 ? 95  VAL C CA 1 
ATOM 449 C CA . ALA C 1 96  ? 27.393  2.630   -7.668  1.00 160.59 ? 96  ALA C CA 1 
ATOM 450 C CA . TYR C 1 97  ? 26.342  6.308   -7.750  1.00 179.37 ? 97  TYR C CA 1 
ATOM 451 C CA . ARG C 1 98  ? 29.567  8.165   -6.867  1.00 180.14 ? 98  ARG C CA 1 
ATOM 452 C CA . ARG C 1 99  ? 31.689  5.725   -8.923  1.00 184.15 ? 99  ARG C CA 1 
ATOM 453 C CA . HIS C 1 100 ? 29.412  5.948   -11.983 1.00 189.73 ? 100 HIS C CA 1 
ATOM 454 C CA . GLU C 1 101 ? 29.338  9.747   -11.508 1.00 194.42 ? 101 GLU C CA 1 
ATOM 455 C CA . LYS C 1 102 ? 33.056  10.661  -11.133 1.00 200.55 ? 102 LYS C CA 1 
ATOM 456 C CA . LYS C 1 103 ? 33.943  8.219   -13.944 1.00 196.76 ? 103 LYS C CA 1 
ATOM 457 C CA . ARG C 1 104 ? 31.619  9.359   -16.775 1.00 197.91 ? 104 ARG C CA 1 
ATOM 458 C CA . LYS C 1 105 ? 32.209  13.037  -15.874 1.00 194.45 ? 105 LYS C CA 1 
ATOM 459 C CA . PHE C 1 106 ? 36.044  13.207  -16.073 1.00 196.71 ? 106 PHE C CA 1 
ATOM 460 C CA . ILE C 1 107 ? 36.358  10.767  -19.006 1.00 181.82 ? 107 ILE C CA 1 
ATOM 461 C CA . LYS C 1 108 ? 35.110  13.309  -21.591 1.00 188.50 ? 108 LYS C CA 1 
ATOM 462 C CA . GLY C 1 109 ? 35.300  16.505  -19.501 1.00 184.47 ? 109 GLY C CA 1 
ATOM 463 C CA . LYS C 1 125 ? 41.381  6.634   -6.747  1.00 202.67 ? 125 LYS C CA 1 
ATOM 464 C CA . VAL C 1 126 ? 42.448  8.650   -3.673  1.00 200.11 ? 126 VAL C CA 1 
ATOM 465 C CA . ARG C 1 127 ? 38.767  9.583   -3.274  1.00 197.87 ? 127 ARG C CA 1 
ATOM 466 C CA . ILE C 1 128 ? 37.505  6.082   -4.125  1.00 190.43 ? 128 ILE C CA 1 
ATOM 467 C CA . GLU C 1 129 ? 39.403  4.767   -1.058  1.00 195.78 ? 129 GLU C CA 1 
ATOM 468 C CA . GLY C 1 130 ? 38.768  8.109   0.642   1.00 196.98 ? 130 GLY C CA 1 
ATOM 469 C CA . SER C 1 131 ? 35.026  8.778   0.327   1.00 193.69 ? 131 SER C CA 1 
ATOM 470 C CA . LEU C 1 132 ? 33.806  5.198   -0.033  1.00 185.95 ? 132 LEU C CA 1 
ATOM 471 C CA . TRP C 1 133 ? 36.218  3.186   2.130   1.00 169.42 ? 133 TRP C CA 1 
ATOM 472 C CA . TRP C 1 134 ? 35.405  5.786   4.787   1.00 165.97 ? 134 TRP C CA 1 
ATOM 473 C CA . THR C 1 135 ? 31.555  5.696   4.679   1.00 154.38 ? 135 THR C CA 1 
ATOM 474 C CA . TYR C 1 136 ? 31.860  1.899   4.579   1.00 140.86 ? 136 TYR C CA 1 
ATOM 475 C CA . THR C 1 137 ? 33.843  2.071   7.843   1.00 154.52 ? 137 THR C CA 1 
ATOM 476 C CA . SER C 1 138 ? 31.026  4.113   9.445   1.00 151.06 ? 138 SER C CA 1 
ATOM 477 C CA . SER C 1 139 ? 28.561  1.688   7.869   1.00 146.04 ? 139 SER C CA 1 
ATOM 478 C CA . ILE C 1 140 ? 30.209  -1.230  9.624   1.00 138.70 ? 140 ILE C CA 1 
ATOM 479 C CA . PHE C 1 141 ? 29.825  0.928   12.739  1.00 148.41 ? 141 PHE C CA 1 
ATOM 480 C CA . PHE C 1 142 ? 26.123  1.435   11.890  1.00 137.24 ? 142 PHE C CA 1 
ATOM 481 C CA . ARG C 1 143 ? 25.583  -2.287  11.229  1.00 141.65 ? 143 ARG C CA 1 
ATOM 482 C CA . VAL C 1 144 ? 26.811  -3.216  14.690  1.00 133.08 ? 144 VAL C CA 1 
ATOM 483 C CA . ILE C 1 145 ? 24.935  -0.249  16.186  1.00 131.56 ? 145 ILE C CA 1 
ATOM 484 C CA . PHE C 1 146 ? 21.673  -1.708  14.820  1.00 115.61 ? 146 PHE C CA 1 
ATOM 485 C CA . GLU C 1 147 ? 22.443  -5.438  15.167  1.00 118.32 ? 147 GLU C CA 1 
ATOM 486 C CA . ALA C 1 148 ? 23.042  -4.556  18.833  1.00 118.44 ? 148 ALA C CA 1 
ATOM 487 C CA . ALA C 1 149 ? 20.266  -1.918  19.220  1.00 116.44 ? 149 ALA C CA 1 
ATOM 488 C CA . PHE C 1 150 ? 17.686  -4.617  18.580  1.00 108.61 ? 150 PHE C CA 1 
ATOM 489 C CA . MET C 1 151 ? 19.604  -7.518  20.090  1.00 117.01 ? 151 MET C CA 1 
ATOM 490 C CA . TYR C 1 152 ? 19.192  -5.229  23.122  1.00 120.63 ? 152 TYR C CA 1 
ATOM 491 C CA . VAL C 1 153 ? 15.413  -4.676  22.900  1.00 111.77 ? 153 VAL C CA 1 
ATOM 492 C CA . PHE C 1 154 ? 14.806  -8.350  21.978  1.00 131.73 ? 154 PHE C CA 1 
ATOM 493 C CA . TYR C 1 155 ? 16.444  -9.199  25.324  1.00 141.05 ? 155 TYR C CA 1 
ATOM 494 C CA . VAL C 1 156 ? 15.179  -6.340  27.502  1.00 149.79 ? 156 VAL C CA 1 
ATOM 495 C CA . MET C 1 157 ? 11.681  -5.861  26.046  1.00 159.56 ? 157 MET C CA 1 
ATOM 496 C CA . TYR C 1 158 ? 10.636  -9.528  26.167  1.00 162.49 ? 158 TYR C CA 1 
ATOM 497 C CA . ASP C 1 159 ? 10.593  -10.858 29.776  1.00 179.97 ? 159 ASP C CA 1 
ATOM 498 C CA . GLY C 1 160 ? 13.927  -12.733 29.818  1.00 184.93 ? 160 GLY C CA 1 
ATOM 499 C CA . PHE C 1 161 ? 15.338  -14.610 26.815  1.00 180.39 ? 161 PHE C CA 1 
ATOM 500 C CA . SER C 1 162 ? 12.292  -16.714 25.799  1.00 159.00 ? 162 SER C CA 1 
ATOM 501 C CA . MET C 1 163 ? 8.505   -17.117 26.295  1.00 132.53 ? 163 MET C CA 1 
ATOM 502 C CA . GLN C 1 164 ? 6.535   -19.204 28.818  1.00 124.10 ? 164 GLN C CA 1 
ATOM 503 C CA . ARG C 1 165 ? 3.695   -21.623 27.976  1.00 109.66 ? 165 ARG C CA 1 
ATOM 504 C CA . LEU C 1 166 ? 1.172   -19.517 29.843  1.00 99.67  ? 166 LEU C CA 1 
ATOM 505 C CA . VAL C 1 167 ? 1.244   -15.986 31.038  1.00 96.21  ? 167 VAL C CA 1 
ATOM 506 C CA . LYS C 1 168 ? -0.592  -14.473 34.035  1.00 102.24 ? 168 LYS C CA 1 
ATOM 507 C CA . CYS C 1 169 ? -1.984  -11.292 32.486  1.00 96.36  ? 169 CYS C CA 1 
ATOM 508 C CA . ASN C 1 170 ? -3.256  -8.315  34.432  1.00 101.43 ? 170 ASN C CA 1 
ATOM 509 C CA . ALA C 1 171 ? -4.544  -6.494  31.383  1.00 94.44  ? 171 ALA C CA 1 
ATOM 510 C CA . TRP C 1 172 ? -7.079  -3.877  32.367  1.00 83.62  ? 172 TRP C CA 1 
ATOM 511 C CA . PRO C 1 173 ? -10.478 -5.308  31.629  1.00 83.50  ? 173 PRO C CA 1 
ATOM 512 C CA . CYS C 1 174 ? -9.774  -8.796  32.927  1.00 94.07  ? 174 CYS C CA 1 
ATOM 513 C CA . PRO C 1 175 ? -11.203 -9.695  36.318  1.00 109.38 ? 175 PRO C CA 1 
ATOM 514 C CA . ASN C 1 176 ? -8.216  -9.508  38.648  1.00 111.52 ? 176 ASN C CA 1 
ATOM 515 C CA . THR C 1 177 ? -5.410  -11.849 37.566  1.00 106.78 ? 177 THR C CA 1 
ATOM 516 C CA . VAL C 1 178 ? -6.289  -14.180 34.670  1.00 88.76  ? 178 VAL C CA 1 
ATOM 517 C CA . ASP C 1 179 ? -4.466  -16.919 32.830  1.00 89.84  ? 179 ASP C CA 1 
ATOM 518 C CA . CYS C 1 180 ? -3.741  -16.925 29.094  1.00 97.65  ? 180 CYS C CA 1 
ATOM 519 C CA . PHE C 1 181 ? -1.737  -19.328 26.960  1.00 105.14 ? 181 PHE C CA 1 
ATOM 520 C CA . VAL C 1 182 ? 0.462   -18.831 23.920  1.00 97.04  ? 182 VAL C CA 1 
ATOM 521 C CA . SER C 1 183 ? 0.853   -21.024 20.845  1.00 97.89  ? 183 SER C CA 1 
ATOM 522 C CA . ARG C 1 184 ? 3.931   -23.168 20.451  1.00 93.48  ? 184 ARG C CA 1 
ATOM 523 C CA . PRO C 1 185 ? 5.987   -20.983 22.802  1.00 92.16  ? 185 PRO C CA 1 
ATOM 524 C CA . THR C 1 186 ? 8.838   -23.492 22.344  1.00 87.77  ? 186 THR C CA 1 
ATOM 525 C CA . GLU C 1 187 ? 8.858   -23.473 18.514  1.00 89.64  ? 187 GLU C CA 1 
ATOM 526 C CA . LYS C 1 188 ? 8.590   -19.736 18.969  1.00 95.44  ? 188 LYS C CA 1 
ATOM 527 C CA . THR C 1 189 ? 11.635  -19.751 21.257  1.00 93.73  ? 189 THR C CA 1 
ATOM 528 C CA . VAL C 1 190 ? 13.659  -22.202 19.225  1.00 82.62  ? 190 VAL C CA 1 
ATOM 529 C CA . PHE C 1 191 ? 13.444  -19.594 16.456  1.00 84.23  ? 191 PHE C CA 1 
ATOM 530 C CA . THR C 1 192 ? 14.247  -16.814 18.937  1.00 91.93  ? 192 THR C CA 1 
ATOM 531 C CA . VAL C 1 193 ? 17.474  -18.701 19.804  1.00 87.37  ? 193 VAL C CA 1 
ATOM 532 C CA . PHE C 1 194 ? 18.683  -19.206 16.221  1.00 91.26  ? 194 PHE C CA 1 
ATOM 533 C CA . MET C 1 195 ? 17.775  -15.642 15.282  1.00 95.49  ? 195 MET C CA 1 
ATOM 534 C CA . ILE C 1 196 ? 19.373  -14.321 18.472  1.00 95.65  ? 196 ILE C CA 1 
ATOM 535 C CA . ALA C 1 197 ? 22.426  -16.565 18.065  1.00 95.14  ? 197 ALA C CA 1 
ATOM 536 C CA . VAL C 1 198 ? 22.952  -15.534 14.437  1.00 98.74  ? 198 VAL C CA 1 
ATOM 537 C CA . SER C 1 199 ? 22.228  -12.007 15.692  1.00 106.47 ? 199 SER C CA 1 
ATOM 538 C CA . GLY C 1 200 ? 25.322  -12.307 17.909  1.00 113.64 ? 200 GLY C CA 1 
ATOM 539 C CA . ILE C 1 201 ? 27.502  -14.050 15.351  1.00 124.88 ? 201 ILE C CA 1 
ATOM 540 C CA . CYS C 1 202 ? 26.580  -11.347 12.824  1.00 132.21 ? 202 CYS C CA 1 
ATOM 541 C CA . ILE C 1 203 ? 27.616  -8.857  15.514  1.00 132.81 ? 203 ILE C CA 1 
ATOM 542 C CA . LEU C 1 204 ? 31.169  -10.255 15.826  1.00 120.93 ? 204 LEU C CA 1 
ATOM 543 C CA . LEU C 1 205 ? 31.856  -10.426 12.097  1.00 121.00 ? 205 LEU C CA 1 
ATOM 544 C CA . ASN C 1 206 ? 30.648  -6.815  11.966  1.00 129.27 ? 206 ASN C CA 1 
ATOM 545 C CA . VAL C 1 207 ? 32.904  -5.862  14.909  1.00 137.91 ? 207 VAL C CA 1 
ATOM 546 C CA . THR C 1 208 ? 35.871  -7.818  13.459  1.00 127.59 ? 208 THR C CA 1 
ATOM 547 C CA . GLU C 1 209 ? 35.560  -5.659  10.331  1.00 138.10 ? 209 GLU C CA 1 
ATOM 548 C CA . LEU C 1 210 ? 35.351  -2.549  12.549  1.00 160.55 ? 210 LEU C CA 1 
ATOM 549 C CA . CYS C 1 211 ? 38.390  -4.000  14.359  1.00 170.99 ? 211 CYS C CA 1 
ATOM 550 C CA . TYR C 1 212 ? 40.441  -4.489  11.144  1.00 170.16 ? 212 TYR C CA 1 
ATOM 551 C CA . LEU C 1 213 ? 39.728  -0.859  10.238  1.00 177.46 ? 213 LEU C CA 1 
ATOM 552 C CA . LEU C 1 214 ? 40.933  0.123   13.726  1.00 180.02 ? 214 LEU C CA 1 
ATOM 553 C CA . ILE C 1 215 ? 44.137  -1.955  13.448  1.00 193.35 ? 215 ILE C CA 1 
ATOM 554 C CA . ARG C 1 216 ? 45.645  -0.432  10.268  1.00 191.16 ? 216 ARG C CA 1 
ATOM 555 C CA . TYR C 1 217 ? 43.697  2.825   10.800  1.00 199.68 ? 217 TYR C CA 1 
# 
